data_8VWW
#
_entry.id   8VWW
#
_cell.length_a   1.00
_cell.length_b   1.00
_cell.length_c   1.00
_cell.angle_alpha   90.00
_cell.angle_beta   90.00
_cell.angle_gamma   90.00
#
_symmetry.space_group_name_H-M   'P 1'
#
loop_
_entity.id
_entity.type
_entity.pdbx_description
1 polymer GP38
2 polymer 'ADI-46152 Fab Heavy Chain'
3 polymer 'ADI-46152 Fab Light Chain'
4 polymer 'ADI-58048 Fab Heavy Chain'
5 polymer 'ADI-58048 Fab Light Chain'
#
loop_
_entity_poly.entity_id
_entity_poly.type
_entity_poly.pdbx_seq_one_letter_code
_entity_poly.pdbx_strand_id
1 'polypeptide(L)'
;NLKMEIILTLSQGLKKYYGKILRLLQLTLEEDTEGLLEWCKRNLGLDCDDTFFQKRIEEFFITGEGHFNEVLQFRTPGTL
STTESTPAGLPTAEPFKSYFAKGFLSIDSGYYSAKCYSGTSNSGLQLINITRHSTRIVDTPGPKITNLKTINCINLKASI
FKEHREVEINVLLPQVAVNLSNCHVVIKSHVCDYSLDIDGAVRLPHIYHEGVFIPGTYKIVIDKKNKLNDRCTLFTDCVI
KGREVRKGQSVLRQYKTEIRIGKASTGS
;
A
2 'polypeptide(L)'
;EVQLVESGGVLVQPGGSLRLSCAASGFTVNSNYMTWVRQAPGKGLEWVSVIYSGGYTYYADSVKGRFAISRDNSKNTVYL
QMNSLRVEDTAVYYCARLRLSSSWYPEAFDYWGQGTLVTVSSASTKGPSVFPLAPSSKSTSGGTAALGCLVKDYFPEPVT
VSWNSGALTSGVHTFPAVLQSSGLYSLSSVVTVPSSSLGTQTYICNVNHKPSNTKVDKKVEPKSCDKG
;
B
3 'polypeptide(L)'
;AILLTQSPSSLSASVGDRVTITCRASQGISSALAWYQQKPGRAPKVLIYDASSLANGVPSRFSGSGSGTDFTLTINSLQP
EDFATYYCQQFNYYPLTFGGGTKVEIKRTVAAPSVFIFPPSDEQLKSGTASVVCLLNNFYPREAKVQWKVDNALQSGNSQ
ESVTEQDSKDSTYSLSSTLTLSKADYEKHKVYACEVTQGTTSVTKSFNRGEC
;
C
4 'polypeptide(L)'
;QLQLQESGPGLVKPSETLSLTCTVSGGSITTSHYYWGWIRQPPGKGLEWVGSMYYSGGIYYNPSLKGRVTISVDTSKNQF
SLKLSSVTAADTAVYYCALADAPDDAFDIWGQGTMVTVSSASTKGPSVFPLAPSSKSTSGGTAALGCLVKDYFPEPVTVS
WNSGALTSGVHTFPAVLQSSGLYSLSSVVTVPSSSLGTQTYICNVNHKPSNTKVDKKVEPKSCDKG
;
H
5 'polypeptide(L)'
;DIQMTQSPSSLSAFVGDRVTITCRASQSISSYLNWYQQKPGKAPKLLIYAASTLQSGVPSRFSGSGSGTDFTLTISSLQS
EDFATYYCQESYSIPFTFGPGTKVDIKRTVAAPSVFIFPPSDEQLKSGTASVVCLLNNFYPREAKVQWKVDNALQSGNSQ
ESVTEQDSKDSTYSLSSTLTLSKADYEKHKVYACEVTHQGLSSPVTKSFNRGEC
;
L
#
# COMPACT_ATOMS: atom_id res chain seq x y z
N ASN A 1 48.34 -15.57 -1.42
CA ASN A 1 47.39 -16.08 -2.44
C ASN A 1 47.53 -15.30 -3.74
N LEU A 2 47.08 -15.91 -4.84
CA LEU A 2 47.02 -15.20 -6.11
C LEU A 2 45.90 -14.16 -6.11
N LYS A 3 44.75 -14.51 -5.55
CA LYS A 3 43.55 -13.71 -5.71
C LYS A 3 43.65 -12.42 -4.89
N MET A 4 43.94 -11.31 -5.56
CA MET A 4 43.76 -9.99 -4.99
C MET A 4 42.27 -9.72 -4.77
N GLU A 5 41.86 -9.56 -3.52
CA GLU A 5 40.46 -9.29 -3.23
C GLU A 5 40.15 -7.83 -3.58
N ILE A 6 39.15 -7.65 -4.45
CA ILE A 6 38.79 -6.33 -4.96
C ILE A 6 38.17 -5.47 -3.87
N ILE A 7 38.49 -4.18 -3.91
CA ILE A 7 37.88 -3.17 -3.05
C ILE A 7 36.96 -2.37 -3.96
N LEU A 8 35.66 -2.44 -3.71
CA LEU A 8 34.69 -1.76 -4.55
C LEU A 8 34.50 -0.31 -4.11
N THR A 9 34.42 0.58 -5.10
CA THR A 9 34.06 1.96 -4.80
C THR A 9 32.59 2.03 -4.40
N LEU A 10 32.20 3.17 -3.85
CA LEU A 10 30.82 3.32 -3.39
C LEU A 10 29.82 3.01 -4.48
N SER A 11 29.99 3.61 -5.66
CA SER A 11 29.05 3.34 -6.75
C SER A 11 29.15 1.90 -7.25
N GLN A 12 30.37 1.39 -7.43
CA GLN A 12 30.51 0.02 -7.90
C GLN A 12 29.91 -0.97 -6.92
N GLY A 13 30.21 -0.81 -5.63
CA GLY A 13 29.65 -1.72 -4.64
C GLY A 13 28.15 -1.58 -4.48
N LEU A 14 27.64 -0.35 -4.62
CA LEU A 14 26.20 -0.15 -4.56
C LEU A 14 25.49 -0.90 -5.68
N LYS A 15 26.09 -0.92 -6.88
CA LYS A 15 25.50 -1.68 -7.97
C LYS A 15 25.50 -3.18 -7.66
N LYS A 16 26.60 -3.70 -7.12
CA LYS A 16 26.64 -5.11 -6.77
C LYS A 16 25.68 -5.43 -5.63
N TYR A 17 25.49 -4.49 -4.71
CA TYR A 17 24.51 -4.70 -3.65
C TYR A 17 23.11 -4.89 -4.21
N TYR A 18 22.69 -4.00 -5.12
CA TYR A 18 21.40 -4.18 -5.75
C TYR A 18 21.36 -5.45 -6.58
N GLY A 19 22.49 -5.81 -7.19
CA GLY A 19 22.53 -7.03 -7.97
C GLY A 19 22.20 -8.27 -7.16
N LYS A 20 22.66 -8.31 -5.90
CA LYS A 20 22.33 -9.45 -5.05
C LYS A 20 20.85 -9.46 -4.69
N ILE A 21 20.28 -8.31 -4.33
CA ILE A 21 18.86 -8.27 -3.98
C ILE A 21 18.01 -8.77 -5.14
N LEU A 22 18.29 -8.30 -6.35
CA LEU A 22 17.51 -8.73 -7.51
C LEU A 22 17.56 -10.24 -7.70
N ARG A 23 18.67 -10.89 -7.36
CA ARG A 23 18.71 -12.35 -7.46
C ARG A 23 17.82 -12.99 -6.41
N LEU A 24 17.82 -12.46 -5.18
CA LEU A 24 16.96 -13.02 -4.14
C LEU A 24 15.48 -12.89 -4.49
N LEU A 25 15.11 -11.80 -5.15
CA LEU A 25 13.75 -11.65 -5.67
C LEU A 25 13.48 -12.57 -6.84
N GLN A 26 14.49 -13.25 -7.38
CA GLN A 26 14.37 -14.16 -8.50
C GLN A 26 14.06 -13.45 -9.82
N LEU A 27 14.35 -12.16 -9.90
CA LEU A 27 14.19 -11.45 -11.16
C LEU A 27 15.35 -11.69 -12.09
N THR A 28 16.51 -12.05 -11.55
CA THR A 28 17.72 -12.34 -12.30
C THR A 28 18.23 -13.72 -11.93
N LEU A 29 19.05 -14.30 -12.80
CA LEU A 29 19.57 -15.64 -12.59
C LEU A 29 21.03 -15.68 -12.19
N GLU A 30 21.77 -14.57 -12.29
CA GLU A 30 23.17 -14.53 -11.91
C GLU A 30 23.39 -13.40 -10.93
N GLU A 31 24.49 -13.50 -10.18
CA GLU A 31 24.85 -12.47 -9.22
C GLU A 31 26.37 -12.43 -9.08
N ASP A 32 26.89 -11.24 -8.78
CA ASP A 32 28.30 -11.02 -8.51
C ASP A 32 28.43 -10.44 -7.12
N THR A 33 29.08 -11.19 -6.21
CA THR A 33 29.29 -10.74 -4.85
C THR A 33 30.76 -10.51 -4.52
N GLU A 34 31.64 -10.55 -5.52
CA GLU A 34 33.06 -10.33 -5.26
C GLU A 34 33.28 -8.93 -4.75
N GLY A 35 33.83 -8.82 -3.54
CA GLY A 35 34.06 -7.53 -2.91
C GLY A 35 32.84 -6.95 -2.22
N LEU A 36 31.68 -7.60 -2.34
CA LEU A 36 30.48 -7.07 -1.69
C LEU A 36 30.58 -7.18 -0.18
N LEU A 37 31.17 -8.26 0.33
CA LEU A 37 31.30 -8.41 1.78
C LEU A 37 32.17 -7.30 2.36
N GLU A 38 33.26 -6.95 1.69
CA GLU A 38 34.10 -5.86 2.18
C GLU A 38 33.38 -4.53 2.10
N TRP A 39 32.69 -4.28 0.99
CA TRP A 39 31.97 -3.02 0.81
C TRP A 39 31.01 -2.75 1.96
N CYS A 40 30.32 -3.79 2.42
CA CYS A 40 29.41 -3.61 3.55
C CYS A 40 30.15 -3.32 4.84
N LYS A 41 31.23 -4.07 5.10
CA LYS A 41 31.97 -3.87 6.34
C LYS A 41 32.51 -2.46 6.47
N ARG A 42 32.95 -1.85 5.37
CA ARG A 42 33.45 -0.48 5.44
C ARG A 42 32.33 0.55 5.40
N ASN A 43 31.33 0.37 4.52
CA ASN A 43 30.28 1.38 4.37
C ASN A 43 29.07 1.18 5.27
N LEU A 44 28.75 -0.06 5.63
CA LEU A 44 27.56 -0.34 6.42
C LEU A 44 27.85 -0.81 7.82
N GLY A 45 29.08 -1.24 8.11
CA GLY A 45 29.42 -1.73 9.43
C GLY A 45 28.74 -3.03 9.81
N LEU A 46 28.37 -3.85 8.83
CA LEU A 46 27.72 -5.12 9.12
C LEU A 46 28.01 -6.08 7.97
N ASP A 47 27.81 -7.37 8.25
CA ASP A 47 28.05 -8.42 7.27
C ASP A 47 26.79 -8.66 6.44
N CYS A 48 26.88 -8.41 5.14
CA CYS A 48 25.75 -8.61 4.23
C CYS A 48 25.68 -10.06 3.77
N ASP A 49 25.32 -10.93 4.72
CA ASP A 49 25.10 -12.33 4.46
C ASP A 49 23.68 -12.54 3.94
N ASP A 50 23.32 -13.81 3.69
CA ASP A 50 21.97 -14.09 3.19
C ASP A 50 20.91 -13.70 4.21
N THR A 51 21.20 -13.88 5.50
CA THR A 51 20.24 -13.50 6.53
C THR A 51 19.99 -11.99 6.52
N PHE A 52 21.05 -11.20 6.38
CA PHE A 52 20.89 -9.75 6.35
C PHE A 52 20.04 -9.33 5.16
N PHE A 53 20.32 -9.87 3.98
CA PHE A 53 19.55 -9.51 2.81
C PHE A 53 18.08 -9.89 2.97
N GLN A 54 17.80 -11.03 3.60
CA GLN A 54 16.41 -11.45 3.78
C GLN A 54 15.64 -10.45 4.61
N LYS A 55 16.26 -9.90 5.66
CA LYS A 55 15.58 -8.89 6.46
C LYS A 55 15.38 -7.60 5.67
N ARG A 56 16.35 -7.22 4.84
CA ARG A 56 16.18 -5.99 4.05
C ARG A 56 14.98 -6.11 3.11
N ILE A 57 14.85 -7.25 2.43
CA ILE A 57 13.71 -7.43 1.52
C ILE A 57 12.42 -7.49 2.31
N GLU A 58 12.38 -8.33 3.34
CA GLU A 58 11.19 -8.45 4.16
C GLU A 58 10.74 -7.11 4.74
N GLU A 59 11.69 -6.30 5.20
CA GLU A 59 11.33 -5.02 5.79
C GLU A 59 10.90 -4.01 4.72
N PHE A 60 11.68 -3.89 3.64
CA PHE A 60 11.37 -2.92 2.61
C PHE A 60 10.00 -3.15 1.97
N PHE A 61 9.65 -4.40 1.69
CA PHE A 61 8.40 -4.66 1.00
C PHE A 61 7.20 -4.95 1.90
N ILE A 62 7.41 -5.37 3.16
CA ILE A 62 6.26 -5.77 3.96
C ILE A 62 6.24 -5.15 5.35
N THR A 63 7.20 -5.52 6.19
CA THR A 63 7.16 -5.14 7.60
C THR A 63 7.78 -3.79 7.90
N GLY A 64 8.51 -3.18 6.96
CA GLY A 64 9.18 -1.94 7.26
C GLY A 64 8.18 -0.79 7.43
N GLU A 65 8.51 0.09 8.37
CA GLU A 65 7.69 1.25 8.69
C GLU A 65 8.60 2.43 8.92
N GLY A 66 8.25 3.58 8.37
CA GLY A 66 9.06 4.78 8.50
C GLY A 66 9.90 5.05 7.28
N HIS A 67 10.80 6.02 7.44
CA HIS A 67 11.68 6.43 6.36
C HIS A 67 12.74 5.36 6.10
N PHE A 68 13.11 5.21 4.82
CA PHE A 68 14.13 4.25 4.43
C PHE A 68 15.22 4.95 3.61
N ASN A 69 16.43 4.41 3.69
CA ASN A 69 17.57 4.93 2.95
C ASN A 69 17.82 4.05 1.72
N GLU A 70 18.83 4.44 0.94
CA GLU A 70 19.15 3.70 -0.29
C GLU A 70 19.58 2.26 -0.03
N VAL A 71 19.94 1.92 1.21
CA VAL A 71 20.38 0.57 1.52
C VAL A 71 19.27 -0.23 2.22
N LEU A 72 18.03 0.21 2.11
CA LEU A 72 16.86 -0.50 2.62
C LEU A 72 16.81 -0.58 4.14
N GLN A 73 17.51 0.31 4.84
CA GLN A 73 17.41 0.38 6.29
C GLN A 73 16.34 1.41 6.64
N PHE A 74 15.67 1.20 7.76
CA PHE A 74 14.57 2.07 8.16
C PHE A 74 14.89 2.81 9.45
N ARG A 75 14.34 4.02 9.55
CA ARG A 75 14.39 4.83 10.76
C ARG A 75 12.99 5.35 11.03
N THR A 76 12.51 5.18 12.26
CA THR A 76 11.14 5.56 12.58
C THR A 76 10.99 7.06 12.82
N PRO A 77 11.92 7.72 13.55
CA PRO A 77 11.74 9.17 13.67
C PRO A 77 11.96 9.90 12.35
N ALA A 93 28.79 13.36 5.97
CA ALA A 93 29.89 12.57 6.51
C ALA A 93 29.76 11.11 6.08
N GLU A 94 29.00 10.32 6.83
CA GLU A 94 28.82 8.92 6.47
C GLU A 94 27.74 8.78 5.41
N PRO A 95 27.87 7.79 4.52
CA PRO A 95 26.88 7.61 3.46
C PRO A 95 25.60 6.95 3.95
N PHE A 96 24.57 7.04 3.11
CA PHE A 96 23.28 6.40 3.33
C PHE A 96 22.63 6.76 4.66
N LYS A 97 22.86 7.96 5.17
CA LYS A 97 22.19 8.42 6.39
C LYS A 97 21.06 9.39 6.09
N SER A 98 20.77 9.61 4.82
CA SER A 98 19.66 10.46 4.37
C SER A 98 18.51 9.51 4.06
N TYR A 99 17.59 9.37 5.02
CA TYR A 99 16.48 8.44 4.85
C TYR A 99 15.38 9.10 4.03
N PHE A 100 15.11 8.53 2.87
CA PHE A 100 14.07 9.03 1.99
C PHE A 100 12.70 8.60 2.47
N ALA A 101 11.68 9.23 1.89
CA ALA A 101 10.29 8.92 2.18
C ALA A 101 9.48 8.90 0.90
N LYS A 102 10.14 8.74 -0.25
CA LYS A 102 9.49 8.80 -1.55
C LYS A 102 8.59 7.61 -1.80
N GLY A 103 8.78 6.52 -1.05
CA GLY A 103 7.97 5.34 -1.20
C GLY A 103 8.54 4.28 -2.12
N PHE A 104 9.53 4.59 -2.94
CA PHE A 104 10.11 3.60 -3.82
C PHE A 104 11.60 3.83 -3.99
N LEU A 105 12.31 2.75 -4.36
CA LEU A 105 13.73 2.77 -4.64
C LEU A 105 13.97 2.20 -6.03
N SER A 106 14.90 2.81 -6.77
CA SER A 106 15.28 2.28 -8.08
C SER A 106 16.43 1.31 -7.87
N ILE A 107 16.10 0.02 -7.82
CA ILE A 107 17.09 -1.04 -7.61
C ILE A 107 17.75 -1.33 -8.96
N ASP A 108 18.95 -0.81 -9.16
CA ASP A 108 19.67 -0.92 -10.41
C ASP A 108 21.04 -1.52 -10.15
N SER A 109 21.28 -2.72 -10.69
CA SER A 109 22.55 -3.41 -10.52
C SER A 109 23.54 -3.12 -11.64
N GLY A 110 23.12 -2.38 -12.67
CA GLY A 110 23.94 -2.10 -13.83
C GLY A 110 23.78 -3.12 -14.94
N TYR A 111 23.44 -4.35 -14.61
CA TYR A 111 23.18 -5.39 -15.59
C TYR A 111 21.69 -5.54 -15.87
N TYR A 112 20.86 -5.12 -14.93
CA TYR A 112 19.41 -5.22 -15.00
C TYR A 112 18.89 -4.17 -14.02
N SER A 113 17.64 -3.78 -14.17
CA SER A 113 17.07 -2.86 -13.20
C SER A 113 15.57 -3.04 -13.06
N ALA A 114 15.08 -2.75 -11.85
CA ALA A 114 13.67 -2.82 -11.54
C ALA A 114 13.34 -1.70 -10.56
N LYS A 115 12.23 -1.02 -10.80
CA LYS A 115 11.72 0.00 -9.90
C LYS A 115 10.80 -0.67 -8.90
N CYS A 116 11.16 -0.63 -7.62
CA CYS A 116 10.41 -1.34 -6.58
C CYS A 116 9.83 -0.36 -5.57
N TYR A 117 8.55 -0.55 -5.26
CA TYR A 117 7.80 0.35 -4.39
C TYR A 117 7.85 -0.17 -2.97
N SER A 118 8.09 0.75 -2.03
CA SER A 118 8.24 0.36 -0.64
C SER A 118 6.93 -0.13 -0.04
N GLY A 119 7.04 -1.09 0.87
CA GLY A 119 5.89 -1.55 1.59
C GLY A 119 5.27 -0.45 2.44
N THR A 120 3.97 -0.60 2.71
CA THR A 120 3.24 0.38 3.48
C THR A 120 2.19 -0.28 4.39
N SER A 121 2.40 -1.54 4.74
CA SER A 121 1.51 -2.37 5.58
C SER A 121 0.18 -2.54 4.85
N ASN A 122 -0.94 -2.55 5.57
CA ASN A 122 -2.29 -2.80 5.06
C ASN A 122 -2.86 -1.64 4.23
N SER A 123 -2.10 -0.59 3.95
CA SER A 123 -2.58 0.53 3.15
C SER A 123 -2.55 0.19 1.67
N GLY A 124 -3.68 -0.26 1.14
CA GLY A 124 -3.80 -0.60 -0.25
C GLY A 124 -3.70 -2.08 -0.55
N LEU A 125 -3.37 -2.37 -1.81
CA LEU A 125 -3.38 -3.75 -2.29
C LEU A 125 -2.28 -4.56 -1.62
N GLN A 126 -2.64 -5.77 -1.19
CA GLN A 126 -1.73 -6.62 -0.45
C GLN A 126 -1.12 -7.70 -1.34
N LEU A 127 -0.45 -8.66 -0.71
CA LEU A 127 0.29 -9.73 -1.35
C LEU A 127 -0.36 -11.05 -0.99
N ILE A 128 0.00 -12.11 -1.71
CA ILE A 128 -0.60 -13.42 -1.49
C ILE A 128 0.48 -14.36 -1.00
N ASN A 129 0.18 -15.08 0.08
CA ASN A 129 1.11 -16.01 0.72
C ASN A 129 0.97 -17.36 0.04
N ILE A 130 1.86 -17.67 -0.89
CA ILE A 130 1.73 -18.92 -1.64
C ILE A 130 2.24 -20.12 -0.85
N THR A 131 2.72 -19.92 0.38
CA THR A 131 2.99 -21.06 1.25
C THR A 131 1.69 -21.58 1.85
N ARG A 132 0.86 -20.67 2.38
CA ARG A 132 -0.48 -21.06 2.81
C ARG A 132 -1.39 -21.29 1.62
N HIS A 133 -1.21 -20.52 0.54
CA HIS A 133 -2.07 -20.63 -0.64
C HIS A 133 -1.38 -21.49 -1.69
N SER A 134 -2.13 -22.43 -2.24
CA SER A 134 -1.65 -23.26 -3.34
C SER A 134 -2.91 -23.69 -4.08
N THR A 135 -3.26 -22.97 -5.13
CA THR A 135 -4.50 -23.20 -5.85
C THR A 135 -4.17 -24.03 -7.08
N ARG A 136 -4.59 -25.29 -7.07
CA ARG A 136 -4.44 -26.18 -8.21
C ARG A 136 -5.79 -26.22 -8.90
N ILE A 137 -5.81 -25.87 -10.18
CA ILE A 137 -7.03 -25.77 -10.95
C ILE A 137 -7.11 -27.01 -11.84
N VAL A 138 -8.20 -27.76 -11.69
CA VAL A 138 -8.33 -29.02 -12.42
C VAL A 138 -8.44 -28.75 -13.91
N ASP A 139 -7.80 -29.61 -14.70
CA ASP A 139 -7.80 -29.45 -16.15
C ASP A 139 -9.17 -29.79 -16.73
N THR A 140 -9.49 -29.20 -17.87
CA THR A 140 -10.75 -29.44 -18.56
C THR A 140 -10.52 -29.20 -20.05
N PRO A 141 -11.23 -29.92 -20.91
CA PRO A 141 -11.14 -29.61 -22.35
C PRO A 141 -11.60 -28.20 -22.61
N GLY A 142 -10.93 -27.53 -23.55
CA GLY A 142 -11.24 -26.15 -23.86
C GLY A 142 -10.53 -25.68 -25.12
N PRO A 143 -11.02 -24.59 -25.69
CA PRO A 143 -10.44 -24.11 -26.96
C PRO A 143 -8.96 -23.83 -26.85
N LYS A 144 -8.20 -24.33 -27.82
CA LYS A 144 -6.75 -24.16 -27.80
C LYS A 144 -6.33 -22.73 -28.06
N ILE A 145 -7.10 -22.00 -28.87
CA ILE A 145 -6.78 -20.61 -29.21
C ILE A 145 -7.87 -19.71 -28.65
N THR A 146 -7.45 -18.59 -28.08
CA THR A 146 -8.35 -17.57 -27.54
C THR A 146 -8.06 -16.25 -28.23
N ASN A 147 -9.11 -15.59 -28.71
CA ASN A 147 -8.93 -14.29 -29.34
C ASN A 147 -8.79 -13.22 -28.28
N LEU A 148 -7.80 -12.35 -28.46
CA LEU A 148 -7.56 -11.27 -27.50
C LEU A 148 -8.79 -10.39 -27.32
N LYS A 149 -9.63 -10.27 -28.35
CA LYS A 149 -10.80 -9.41 -28.29
C LYS A 149 -11.94 -9.98 -27.46
N THR A 150 -11.90 -11.26 -27.08
CA THR A 150 -12.98 -11.88 -26.31
C THR A 150 -12.42 -12.81 -25.24
N ILE A 151 -11.65 -12.26 -24.32
CA ILE A 151 -11.08 -13.03 -23.22
C ILE A 151 -12.03 -12.99 -22.04
N ASN A 152 -12.62 -14.14 -21.71
CA ASN A 152 -13.48 -14.30 -20.56
C ASN A 152 -12.74 -14.88 -19.35
N CYS A 153 -11.49 -15.29 -19.53
CA CYS A 153 -10.76 -15.94 -18.45
C CYS A 153 -10.71 -15.07 -17.22
N ILE A 154 -10.87 -15.70 -16.05
CA ILE A 154 -10.84 -14.98 -14.78
C ILE A 154 -9.43 -14.63 -14.34
N ASN A 155 -8.40 -15.24 -14.94
CA ASN A 155 -7.02 -14.85 -14.65
C ASN A 155 -6.49 -13.78 -15.60
N LEU A 156 -7.14 -13.53 -16.72
CA LEU A 156 -6.64 -12.60 -17.72
C LEU A 156 -7.69 -11.57 -18.09
N LYS A 157 -7.26 -10.32 -18.19
CA LYS A 157 -8.08 -9.22 -18.66
C LYS A 157 -7.25 -8.41 -19.66
N ALA A 158 -7.83 -8.10 -20.81
CA ALA A 158 -7.11 -7.44 -21.90
C ALA A 158 -7.69 -6.07 -22.19
N SER A 159 -6.80 -5.11 -22.45
CA SER A 159 -7.19 -3.76 -22.85
C SER A 159 -6.46 -3.33 -24.11
N ILE A 160 -7.22 -2.86 -25.10
CA ILE A 160 -6.68 -2.33 -26.34
C ILE A 160 -6.91 -0.83 -26.33
N PHE A 161 -5.90 -0.06 -26.72
CA PHE A 161 -6.03 1.40 -26.72
C PHE A 161 -6.19 1.96 -28.13
N LYS A 162 -6.76 3.17 -28.16
CA LYS A 162 -7.09 3.84 -29.42
C LYS A 162 -5.96 3.80 -30.43
N GLU A 163 -4.71 3.94 -29.98
CA GLU A 163 -3.60 3.79 -30.92
C GLU A 163 -3.63 2.45 -31.61
N HIS A 164 -4.12 1.41 -30.92
CA HIS A 164 -4.20 0.05 -31.42
C HIS A 164 -2.83 -0.62 -31.54
N ARG A 165 -1.78 0.00 -31.00
CA ARG A 165 -0.46 -0.59 -31.04
C ARG A 165 0.13 -0.69 -29.64
N GLU A 166 -0.74 -0.90 -28.65
CA GLU A 166 -0.35 -1.18 -27.28
C GLU A 166 -1.40 -2.12 -26.70
N VAL A 167 -0.95 -3.13 -25.96
CA VAL A 167 -1.85 -4.06 -25.28
C VAL A 167 -1.40 -4.22 -23.84
N GLU A 168 -2.35 -4.17 -22.92
CA GLU A 168 -2.10 -4.48 -21.51
C GLU A 168 -2.92 -5.69 -21.13
N ILE A 169 -2.27 -6.72 -20.62
CA ILE A 169 -2.94 -7.89 -20.08
C ILE A 169 -2.79 -7.83 -18.57
N ASN A 170 -3.90 -7.66 -17.87
CA ASN A 170 -3.88 -7.60 -16.41
C ASN A 170 -4.11 -9.00 -15.87
N VAL A 171 -3.10 -9.54 -15.19
CA VAL A 171 -3.19 -10.87 -14.60
C VAL A 171 -3.67 -10.72 -13.17
N LEU A 172 -4.84 -11.29 -12.88
CA LEU A 172 -5.46 -11.20 -11.56
C LEU A 172 -5.17 -12.41 -10.68
N LEU A 173 -4.63 -13.49 -11.24
CA LEU A 173 -4.25 -14.68 -10.49
C LEU A 173 -2.76 -14.93 -10.68
N PRO A 174 -1.92 -14.23 -9.93
CA PRO A 174 -0.48 -14.40 -10.08
C PRO A 174 -0.01 -15.82 -9.88
N GLN A 175 -0.82 -16.64 -9.20
CA GLN A 175 -0.46 -18.04 -8.97
C GLN A 175 -0.48 -18.87 -10.24
N VAL A 176 -1.14 -18.41 -11.29
CA VAL A 176 -1.21 -19.15 -12.55
C VAL A 176 -0.10 -18.67 -13.45
N ALA A 177 0.78 -19.60 -13.85
CA ALA A 177 1.93 -19.24 -14.67
C ALA A 177 1.52 -18.80 -16.06
N VAL A 178 2.17 -17.75 -16.54
CA VAL A 178 2.04 -17.25 -17.91
C VAL A 178 3.41 -17.39 -18.55
N ASN A 179 3.49 -18.16 -19.62
CA ASN A 179 4.75 -18.38 -20.32
C ASN A 179 4.83 -17.54 -21.59
N LEU A 180 5.93 -16.81 -21.71
CA LEU A 180 6.18 -15.91 -22.84
C LEU A 180 7.08 -16.60 -23.86
N SER A 181 6.81 -16.35 -25.14
CA SER A 181 7.64 -16.87 -26.22
C SER A 181 7.86 -15.79 -27.27
N ASN A 182 9.12 -15.48 -27.54
CA ASN A 182 9.49 -14.47 -28.53
C ASN A 182 8.92 -13.09 -28.17
N CYS A 183 8.95 -12.75 -26.89
CA CYS A 183 8.38 -11.49 -26.42
C CYS A 183 9.41 -10.63 -25.69
N HIS A 184 9.17 -9.32 -25.75
CA HIS A 184 9.95 -8.30 -25.06
C HIS A 184 8.91 -7.43 -24.37
N VAL A 185 8.80 -7.59 -23.05
CA VAL A 185 7.67 -7.06 -22.31
C VAL A 185 8.12 -6.21 -21.14
N VAL A 186 7.20 -5.39 -20.65
CA VAL A 186 7.37 -4.57 -19.47
C VAL A 186 6.32 -5.02 -18.46
N ILE A 187 6.76 -5.38 -17.25
CA ILE A 187 5.87 -5.81 -16.19
C ILE A 187 5.64 -4.65 -15.23
N LYS A 188 4.38 -4.41 -14.89
CA LYS A 188 4.01 -3.40 -13.91
C LYS A 188 3.24 -4.09 -12.80
N SER A 189 3.58 -3.78 -11.55
CA SER A 189 2.92 -4.37 -10.39
C SER A 189 3.08 -3.43 -9.22
N HIS A 190 2.31 -3.67 -8.16
CA HIS A 190 2.44 -2.83 -6.98
C HIS A 190 3.71 -3.12 -6.19
N VAL A 191 4.51 -4.10 -6.61
CA VAL A 191 5.75 -4.44 -5.92
C VAL A 191 6.94 -3.86 -6.67
N CYS A 192 7.16 -4.33 -7.90
CA CYS A 192 8.26 -3.82 -8.72
C CYS A 192 7.85 -3.73 -10.17
N ASP A 193 8.49 -2.82 -10.88
CA ASP A 193 8.34 -2.66 -12.33
C ASP A 193 9.65 -2.99 -13.00
N TYR A 194 9.59 -3.74 -14.10
CA TYR A 194 10.79 -4.15 -14.80
C TYR A 194 10.39 -4.67 -16.17
N SER A 195 11.39 -4.91 -17.01
CA SER A 195 11.19 -5.48 -18.33
C SER A 195 11.75 -6.89 -18.37
N LEU A 196 11.11 -7.74 -19.18
CA LEU A 196 11.53 -9.13 -19.34
C LEU A 196 11.71 -9.42 -20.82
N ASP A 197 12.87 -9.95 -21.18
CA ASP A 197 13.20 -10.23 -22.56
C ASP A 197 13.55 -11.69 -22.83
N ILE A 198 13.28 -12.58 -21.89
CA ILE A 198 13.64 -13.99 -22.04
C ILE A 198 12.37 -14.83 -22.08
N ASP A 199 12.40 -15.89 -22.88
CA ASP A 199 11.27 -16.79 -23.03
C ASP A 199 11.10 -17.65 -21.78
N GLY A 200 9.87 -18.06 -21.52
CA GLY A 200 9.54 -18.87 -20.36
C GLY A 200 8.51 -18.21 -19.47
N ALA A 201 8.32 -18.80 -18.30
CA ALA A 201 7.35 -18.30 -17.35
C ALA A 201 7.70 -16.89 -16.90
N VAL A 202 6.69 -16.03 -16.83
CA VAL A 202 6.89 -14.66 -16.39
C VAL A 202 7.49 -14.66 -15.00
N ARG A 203 8.60 -13.96 -14.84
CA ARG A 203 9.25 -13.84 -13.55
C ARG A 203 8.49 -12.86 -12.68
N LEU A 204 8.29 -13.22 -11.42
CA LEU A 204 7.61 -12.33 -10.50
C LEU A 204 8.44 -12.20 -9.23
N PRO A 205 8.40 -11.05 -8.57
CA PRO A 205 9.17 -10.89 -7.34
C PRO A 205 8.66 -11.83 -6.26
N HIS A 206 9.57 -12.62 -5.70
CA HIS A 206 9.28 -13.52 -4.60
C HIS A 206 9.95 -12.97 -3.35
N ILE A 207 9.14 -12.65 -2.35
CA ILE A 207 9.63 -12.06 -1.11
C ILE A 207 9.45 -13.10 -0.02
N TYR A 208 10.53 -13.44 0.66
CA TYR A 208 10.47 -14.44 1.71
C TYR A 208 10.14 -13.77 3.03
N HIS A 209 9.06 -14.22 3.66
CA HIS A 209 8.63 -13.71 4.96
C HIS A 209 7.82 -14.84 5.59
N GLU A 210 8.52 -15.73 6.30
CA GLU A 210 7.86 -16.88 6.92
C GLU A 210 7.02 -17.61 5.88
N GLY A 211 7.53 -17.63 4.64
CA GLY A 211 6.81 -18.15 3.51
C GLY A 211 7.05 -17.30 2.28
N VAL A 212 6.61 -17.75 1.12
CA VAL A 212 6.86 -17.07 -0.15
C VAL A 212 5.67 -16.17 -0.48
N PHE A 213 5.96 -14.91 -0.79
CA PHE A 213 4.97 -13.91 -1.18
C PHE A 213 5.27 -13.45 -2.59
N ILE A 214 4.23 -13.20 -3.38
CA ILE A 214 4.40 -12.69 -4.74
C ILE A 214 3.43 -11.53 -4.92
N PRO A 215 3.53 -10.75 -6.00
CA PRO A 215 2.62 -9.61 -6.15
C PRO A 215 1.16 -10.05 -6.13
N GLY A 216 0.30 -9.16 -5.63
CA GLY A 216 -1.11 -9.48 -5.59
C GLY A 216 -1.71 -9.53 -6.97
N THR A 217 -1.19 -8.70 -7.87
CA THR A 217 -1.53 -8.72 -9.28
C THR A 217 -0.34 -8.13 -10.01
N TYR A 218 -0.32 -8.31 -11.33
CA TYR A 218 0.71 -7.67 -12.14
C TYR A 218 0.12 -7.43 -13.51
N LYS A 219 0.70 -6.47 -14.22
CA LYS A 219 0.21 -6.07 -15.52
C LYS A 219 1.29 -6.33 -16.56
N ILE A 220 0.91 -7.00 -17.63
CA ILE A 220 1.79 -7.29 -18.74
C ILE A 220 1.50 -6.25 -19.80
N VAL A 221 2.50 -5.43 -20.12
CA VAL A 221 2.35 -4.38 -21.11
C VAL A 221 3.13 -4.79 -22.34
N ILE A 222 2.43 -4.94 -23.46
CA ILE A 222 3.03 -5.34 -24.72
C ILE A 222 3.04 -4.14 -25.64
N ASP A 223 4.22 -3.66 -25.99
CA ASP A 223 4.36 -2.57 -26.93
C ASP A 223 4.40 -3.15 -28.34
N LYS A 224 3.46 -2.72 -29.18
CA LYS A 224 3.37 -3.20 -30.55
C LYS A 224 3.82 -2.17 -31.55
N LYS A 225 4.24 -0.98 -31.10
CA LYS A 225 4.69 0.05 -32.02
C LYS A 225 6.08 -0.25 -32.57
N ASN A 226 6.80 -1.18 -31.96
CA ASN A 226 8.12 -1.60 -32.41
C ASN A 226 8.04 -2.97 -33.07
N LYS A 227 9.14 -3.38 -33.67
CA LYS A 227 9.20 -4.65 -34.39
C LYS A 227 9.71 -5.81 -33.53
N LEU A 228 10.30 -5.52 -32.37
CA LEU A 228 10.91 -6.59 -31.57
C LEU A 228 9.87 -7.51 -30.94
N ASN A 229 8.60 -7.12 -30.90
CA ASN A 229 7.55 -7.95 -30.35
C ASN A 229 6.77 -8.70 -31.43
N ASP A 230 7.26 -8.68 -32.67
CA ASP A 230 6.65 -9.44 -33.74
C ASP A 230 6.67 -10.93 -33.42
N ARG A 231 5.51 -11.58 -33.58
CA ARG A 231 5.28 -12.98 -33.27
C ARG A 231 5.23 -13.27 -31.77
N CYS A 232 5.20 -12.24 -30.93
CA CYS A 232 5.07 -12.47 -29.49
C CYS A 232 3.76 -13.18 -29.20
N THR A 233 3.83 -14.22 -28.36
CA THR A 233 2.68 -15.05 -28.05
C THR A 233 2.70 -15.42 -26.58
N LEU A 234 1.52 -15.46 -25.97
CA LEU A 234 1.35 -15.83 -24.57
C LEU A 234 0.71 -17.20 -24.47
N PHE A 235 1.27 -18.05 -23.61
CA PHE A 235 0.69 -19.36 -23.29
C PHE A 235 0.37 -19.35 -21.82
N THR A 236 -0.89 -19.62 -21.47
CA THR A 236 -1.30 -19.65 -20.07
C THR A 236 -2.58 -20.44 -19.93
N ASP A 237 -2.95 -20.68 -18.68
CA ASP A 237 -4.18 -21.37 -18.34
C ASP A 237 -5.33 -20.38 -18.21
N CYS A 238 -6.38 -20.60 -18.99
CA CYS A 238 -7.59 -19.78 -18.94
C CYS A 238 -8.52 -20.33 -17.87
N VAL A 239 -8.66 -19.59 -16.77
CA VAL A 239 -9.50 -20.02 -15.66
C VAL A 239 -10.94 -19.65 -15.96
N ILE A 240 -11.84 -20.63 -15.88
CA ILE A 240 -13.25 -20.44 -16.21
C ILE A 240 -14.09 -21.02 -15.07
N LYS A 241 -15.01 -20.22 -14.54
CA LYS A 241 -15.82 -20.62 -13.39
C LYS A 241 -17.05 -21.36 -13.87
N GLY A 242 -16.92 -22.68 -14.03
CA GLY A 242 -18.02 -23.52 -14.44
C GLY A 242 -18.66 -24.21 -13.25
N ARG A 243 -19.95 -24.53 -13.38
CA ARG A 243 -20.70 -25.13 -12.28
C ARG A 243 -20.53 -26.64 -12.24
N GLU A 244 -20.48 -27.18 -11.02
CA GLU A 244 -20.25 -28.61 -10.82
C GLU A 244 -21.54 -29.37 -11.13
N VAL A 245 -21.45 -30.35 -12.04
CA VAL A 245 -22.63 -31.15 -12.35
C VAL A 245 -23.13 -31.86 -11.09
N ARG A 246 -22.21 -32.19 -10.18
CA ARG A 246 -22.53 -32.85 -8.92
C ARG A 246 -22.48 -31.83 -7.79
N LYS A 247 -23.41 -31.96 -6.84
CA LYS A 247 -23.47 -31.09 -5.67
C LYS A 247 -23.88 -29.68 -6.07
N GLY A 248 -23.05 -29.01 -6.87
CA GLY A 248 -23.28 -27.64 -7.27
C GLY A 248 -22.14 -26.74 -6.85
N GLN A 249 -22.47 -25.45 -6.69
CA GLN A 249 -21.47 -24.45 -6.33
C GLN A 249 -20.57 -24.20 -7.53
N SER A 250 -19.38 -23.63 -7.28
CA SER A 250 -18.44 -23.31 -8.35
C SER A 250 -17.09 -23.95 -8.04
N VAL A 251 -16.54 -24.67 -9.00
CA VAL A 251 -15.22 -25.28 -8.89
C VAL A 251 -14.41 -24.78 -10.08
N LEU A 252 -13.48 -23.86 -9.82
CA LEU A 252 -12.70 -23.25 -10.87
C LEU A 252 -11.93 -24.29 -11.65
N ARG A 253 -12.04 -24.26 -12.98
CA ARG A 253 -11.32 -25.16 -13.85
C ARG A 253 -10.34 -24.34 -14.69
N GLN A 254 -9.60 -25.02 -15.57
CA GLN A 254 -8.69 -24.32 -16.46
C GLN A 254 -8.45 -25.18 -17.69
N TYR A 255 -7.92 -24.55 -18.73
CA TYR A 255 -7.56 -25.29 -19.93
C TYR A 255 -6.38 -24.61 -20.60
N LYS A 256 -5.51 -25.41 -21.20
CA LYS A 256 -4.36 -24.85 -21.92
C LYS A 256 -4.87 -23.99 -23.07
N THR A 257 -4.32 -22.79 -23.20
CA THR A 257 -4.68 -21.92 -24.31
C THR A 257 -3.50 -21.08 -24.72
N GLU A 258 -3.60 -20.52 -25.93
CA GLU A 258 -2.55 -19.71 -26.54
C GLU A 258 -3.19 -18.43 -27.07
N ILE A 259 -2.55 -17.29 -26.81
CA ILE A 259 -3.03 -15.99 -27.23
C ILE A 259 -1.95 -15.36 -28.09
N ARG A 260 -2.17 -15.32 -29.40
CA ARG A 260 -1.22 -14.69 -30.30
C ARG A 260 -1.44 -13.18 -30.30
N ILE A 261 -0.36 -12.43 -30.14
CA ILE A 261 -0.39 -10.97 -30.15
C ILE A 261 0.20 -10.41 -31.43
N GLY A 262 1.39 -10.87 -31.79
CA GLY A 262 2.07 -10.38 -32.99
C GLY A 262 1.40 -10.82 -34.27
N GLU B 1 47.95 19.06 18.19
CA GLU B 1 48.15 18.25 16.95
C GLU B 1 48.02 16.77 17.23
N VAL B 2 47.38 16.05 16.31
CA VAL B 2 47.29 14.59 16.41
C VAL B 2 48.68 14.00 16.24
N GLN B 3 49.07 13.11 17.15
CA GLN B 3 50.30 12.36 17.03
C GLN B 3 50.04 10.90 17.38
N LEU B 4 50.71 10.00 16.68
CA LEU B 4 50.78 8.60 17.06
C LEU B 4 52.16 8.30 17.63
N VAL B 5 52.19 7.63 18.77
CA VAL B 5 53.43 7.15 19.37
C VAL B 5 53.34 5.64 19.56
N GLU B 6 54.19 4.91 18.84
CA GLU B 6 54.39 3.49 19.07
C GLU B 6 55.43 3.28 20.17
N SER B 7 55.31 2.19 20.91
CA SER B 7 56.24 1.90 21.98
C SER B 7 56.17 0.42 22.32
N GLY B 8 57.15 -0.04 23.10
CA GLY B 8 57.19 -1.40 23.58
C GLY B 8 57.88 -2.38 22.67
N GLY B 9 58.54 -1.92 21.62
CA GLY B 9 59.35 -2.82 20.81
C GLY B 9 60.65 -3.19 21.50
N VAL B 10 61.07 -4.44 21.30
CA VAL B 10 62.20 -5.03 22.01
C VAL B 10 62.79 -6.12 21.12
N LEU B 11 63.98 -6.57 21.46
CA LEU B 11 64.42 -7.90 21.08
C LEU B 11 63.58 -8.96 21.80
N VAL B 12 63.17 -9.98 21.05
CA VAL B 12 62.52 -11.15 21.62
C VAL B 12 63.09 -12.41 20.97
N GLN B 13 63.02 -13.51 21.69
CA GLN B 13 63.50 -14.78 21.15
C GLN B 13 62.61 -15.22 19.99
N PRO B 14 63.17 -15.84 18.96
CA PRO B 14 62.33 -16.33 17.86
C PRO B 14 61.31 -17.33 18.35
N GLY B 15 60.10 -17.27 17.78
CA GLY B 15 58.98 -18.02 18.26
C GLY B 15 58.31 -17.44 19.49
N GLY B 16 58.87 -16.41 20.09
CA GLY B 16 58.24 -15.72 21.20
C GLY B 16 57.06 -14.89 20.74
N SER B 17 56.55 -14.08 21.69
CA SER B 17 55.38 -13.27 21.49
C SER B 17 55.65 -11.85 21.95
N LEU B 18 54.93 -10.89 21.39
CA LEU B 18 55.17 -9.49 21.66
C LEU B 18 53.88 -8.70 21.51
N ARG B 19 53.81 -7.58 22.22
CA ARG B 19 52.62 -6.73 22.27
C ARG B 19 53.03 -5.31 21.87
N LEU B 20 52.88 -5.00 20.59
CA LEU B 20 53.02 -3.63 20.13
C LEU B 20 51.78 -2.82 20.49
N SER B 21 51.98 -1.51 20.68
CA SER B 21 50.87 -0.61 20.92
C SER B 21 51.06 0.67 20.10
N CYS B 22 49.96 1.39 19.92
CA CYS B 22 49.95 2.68 19.23
C CYS B 22 48.90 3.55 19.89
N ALA B 23 49.33 4.47 20.75
CA ALA B 23 48.42 5.44 21.32
C ALA B 23 48.17 6.59 20.34
N ALA B 24 46.92 7.02 20.26
CA ALA B 24 46.53 8.18 19.49
C ALA B 24 46.37 9.40 20.40
N SER B 25 46.35 10.57 19.79
CA SER B 25 46.07 11.81 20.50
C SER B 25 45.39 12.78 19.54
N GLY B 26 44.55 13.65 20.09
CA GLY B 26 43.78 14.57 19.28
C GLY B 26 42.61 13.96 18.54
N PHE B 27 42.46 12.64 18.57
CA PHE B 27 41.30 11.97 17.99
C PHE B 27 41.16 10.61 18.64
N THR B 28 40.02 9.96 18.39
CA THR B 28 39.73 8.64 18.94
C THR B 28 39.90 7.57 17.87
N VAL B 29 40.70 6.55 18.18
CA VAL B 29 41.07 5.54 17.20
C VAL B 29 39.85 4.86 16.59
N ASN B 30 38.75 4.75 17.34
CA ASN B 30 37.56 4.09 16.83
C ASN B 30 36.83 4.91 15.78
N SER B 31 37.16 6.19 15.61
CA SER B 31 36.47 7.02 14.64
C SER B 31 36.86 6.66 13.21
N ASN B 32 38.09 6.20 12.99
CA ASN B 32 38.59 6.04 11.63
C ASN B 32 39.64 4.95 11.60
N TYR B 33 39.94 4.49 10.39
CA TYR B 33 40.67 3.23 10.21
C TYR B 33 42.13 3.39 10.61
N MET B 34 42.63 2.43 11.36
CA MET B 34 44.03 2.38 11.79
C MET B 34 44.72 1.23 11.10
N THR B 35 45.96 1.45 10.68
CA THR B 35 46.72 0.49 9.89
C THR B 35 48.07 0.27 10.53
N TRP B 36 48.73 -0.81 10.13
CA TRP B 36 50.14 -1.02 10.46
C TRP B 36 50.95 -1.30 9.20
N VAL B 37 52.15 -0.73 9.16
CA VAL B 37 53.11 -0.96 8.09
C VAL B 37 54.48 -1.06 8.74
N ARG B 38 55.38 -1.75 8.05
CA ARG B 38 56.69 -2.04 8.61
C ARG B 38 57.71 -2.10 7.49
N GLN B 39 58.96 -1.83 7.84
CA GLN B 39 60.09 -1.89 6.92
C GLN B 39 61.18 -2.77 7.50
N ALA B 40 61.61 -3.76 6.73
CA ALA B 40 62.85 -4.45 7.04
C ALA B 40 64.02 -3.53 6.73
N PRO B 41 64.98 -3.37 7.65
CA PRO B 41 66.02 -2.35 7.44
C PRO B 41 66.70 -2.50 6.09
N GLY B 42 66.79 -1.39 5.38
CA GLY B 42 67.35 -1.37 4.04
C GLY B 42 66.42 -1.83 2.95
N LYS B 43 65.28 -2.42 3.29
CA LYS B 43 64.25 -2.77 2.32
C LYS B 43 63.16 -1.70 2.31
N GLY B 44 62.19 -1.88 1.41
CA GLY B 44 61.05 -0.99 1.33
C GLY B 44 60.04 -1.21 2.43
N LEU B 45 58.97 -0.43 2.36
CA LEU B 45 57.82 -0.63 3.23
C LEU B 45 57.10 -1.91 2.86
N GLU B 46 56.43 -2.51 3.85
CA GLU B 46 55.38 -3.49 3.59
C GLU B 46 54.20 -3.21 4.51
N TRP B 47 53.01 -3.61 4.05
CA TRP B 47 51.79 -3.53 4.83
C TRP B 47 51.64 -4.76 5.73
N VAL B 48 50.96 -4.56 6.87
CA VAL B 48 50.78 -5.61 7.86
C VAL B 48 49.31 -5.94 8.02
N SER B 49 48.51 -4.95 8.40
CA SER B 49 47.12 -5.20 8.78
C SER B 49 46.38 -3.87 8.83
N VAL B 50 45.05 -3.95 8.92
CA VAL B 50 44.21 -2.80 9.14
C VAL B 50 43.02 -3.22 9.99
N ILE B 51 42.55 -2.30 10.83
CA ILE B 51 41.33 -2.49 11.61
C ILE B 51 40.36 -1.40 11.23
N TYR B 52 39.16 -1.80 10.81
CA TYR B 52 38.12 -0.85 10.45
C TYR B 52 37.48 -0.26 11.70
N SER B 53 36.68 0.78 11.48
CA SER B 53 35.90 1.37 12.56
C SER B 53 34.96 0.34 13.17
N GLY B 54 34.38 -0.53 12.35
CA GLY B 54 33.57 -1.63 12.83
C GLY B 54 34.32 -2.72 13.56
N GLY B 55 35.64 -2.57 13.74
CA GLY B 55 36.42 -3.55 14.44
C GLY B 55 36.76 -4.79 13.64
N TYR B 56 36.26 -4.89 12.41
CA TYR B 56 36.71 -5.91 11.48
C TYR B 56 38.17 -5.65 11.10
N THR B 57 38.84 -6.71 10.64
CA THR B 57 40.27 -6.62 10.38
C THR B 57 40.62 -7.37 9.11
N TYR B 58 41.77 -7.00 8.56
CA TYR B 58 42.36 -7.67 7.40
C TYR B 58 43.87 -7.67 7.57
N TYR B 59 44.53 -8.67 6.99
CA TYR B 59 45.94 -8.89 7.23
C TYR B 59 46.65 -9.20 5.91
N ALA B 60 47.95 -8.89 5.89
CA ALA B 60 48.78 -9.22 4.73
C ALA B 60 48.92 -10.73 4.58
N ASP B 61 49.06 -11.16 3.32
CA ASP B 61 49.08 -12.58 3.02
C ASP B 61 50.19 -13.31 3.76
N SER B 62 51.34 -12.67 3.95
CA SER B 62 52.44 -13.28 4.69
C SER B 62 52.17 -13.43 6.17
N VAL B 63 51.13 -12.80 6.71
CA VAL B 63 51.03 -12.59 8.14
C VAL B 63 49.63 -12.95 8.62
N LYS B 64 48.70 -13.16 7.68
CA LYS B 64 47.31 -13.44 8.02
C LYS B 64 47.17 -14.53 9.07
N GLY B 65 48.06 -15.51 9.06
CA GLY B 65 47.99 -16.59 10.03
C GLY B 65 48.49 -16.28 11.43
N ARG B 66 49.20 -15.18 11.64
CA ARG B 66 50.02 -15.05 12.84
C ARG B 66 49.75 -13.81 13.67
N PHE B 67 49.34 -12.70 13.05
CA PHE B 67 49.21 -11.43 13.76
C PHE B 67 47.74 -11.12 14.04
N ALA B 68 47.49 -10.50 15.19
CA ALA B 68 46.17 -9.99 15.54
C ALA B 68 46.28 -8.50 15.78
N ILE B 69 45.47 -7.72 15.06
CA ILE B 69 45.31 -6.29 15.32
C ILE B 69 44.04 -6.05 16.11
N SER B 70 44.14 -5.22 17.14
CA SER B 70 43.04 -5.00 18.07
C SER B 70 43.07 -3.54 18.51
N ARG B 71 41.96 -3.07 19.06
CA ARG B 71 41.88 -1.71 19.56
C ARG B 71 40.99 -1.67 20.80
N ASP B 72 41.18 -0.62 21.60
CA ASP B 72 40.35 -0.35 22.76
C ASP B 72 39.91 1.11 22.73
N ASN B 73 38.59 1.33 22.81
CA ASN B 73 38.04 2.68 22.76
C ASN B 73 38.49 3.50 23.97
N SER B 74 38.54 2.87 25.15
CA SER B 74 38.81 3.60 26.38
C SER B 74 40.29 3.93 26.53
N LYS B 75 41.17 3.03 26.09
CA LYS B 75 42.59 3.31 26.07
C LYS B 75 43.00 4.16 24.87
N ASN B 76 42.07 4.45 23.98
CA ASN B 76 42.34 5.19 22.75
C ASN B 76 43.61 4.69 22.08
N THR B 77 43.69 3.38 21.92
CA THR B 77 44.91 2.70 21.52
C THR B 77 44.53 1.60 20.56
N VAL B 78 45.36 1.40 19.54
CA VAL B 78 45.31 0.20 18.70
C VAL B 78 46.50 -0.69 19.07
N TYR B 79 46.26 -2.00 19.08
CA TYR B 79 47.27 -2.97 19.47
C TYR B 79 47.55 -3.92 18.31
N LEU B 80 48.79 -4.35 18.20
CA LEU B 80 49.20 -5.38 17.25
C LEU B 80 50.01 -6.42 18.02
N GLN B 81 49.57 -7.68 17.93
CA GLN B 81 50.06 -8.74 18.80
C GLN B 81 50.54 -9.91 17.96
N MET B 82 51.67 -10.49 18.34
CA MET B 82 52.33 -11.55 17.58
C MET B 82 52.07 -12.88 18.25
N ASN B 83 51.48 -13.82 17.51
CA ASN B 83 51.30 -15.17 18.05
C ASN B 83 52.62 -15.93 18.07
N SER B 84 53.40 -15.83 16.99
CA SER B 84 54.77 -16.35 17.01
C SER B 84 55.57 -15.59 15.96
N LEU B 85 56.74 -15.11 16.34
CA LEU B 85 57.57 -14.33 15.44
C LEU B 85 58.42 -15.24 14.55
N ARG B 86 58.54 -14.86 13.28
CA ARG B 86 59.57 -15.36 12.40
C ARG B 86 60.77 -14.43 12.40
N VAL B 87 61.90 -14.92 11.90
CA VAL B 87 63.09 -14.07 11.78
C VAL B 87 62.83 -12.88 10.88
N GLU B 88 62.04 -13.08 9.81
CA GLU B 88 61.69 -11.98 8.92
C GLU B 88 60.73 -10.97 9.54
N ASP B 89 60.28 -11.20 10.78
CA ASP B 89 59.49 -10.21 11.50
C ASP B 89 60.31 -9.04 12.04
N THR B 90 61.64 -9.13 12.03
CA THR B 90 62.43 -7.99 12.45
C THR B 90 62.23 -6.84 11.47
N ALA B 91 61.81 -5.69 12.01
CA ALA B 91 61.55 -4.49 11.22
C ALA B 91 61.36 -3.34 12.21
N VAL B 92 61.42 -2.12 11.69
CA VAL B 92 60.72 -1.02 12.32
C VAL B 92 59.25 -1.11 11.96
N TYR B 93 58.38 -1.03 12.97
CA TYR B 93 56.94 -0.98 12.77
C TYR B 93 56.44 0.44 12.96
N TYR B 94 55.69 0.94 11.99
CA TYR B 94 54.97 2.20 12.12
C TYR B 94 53.49 1.94 12.21
N CYS B 95 52.85 2.58 13.19
CA CYS B 95 51.41 2.76 13.20
C CYS B 95 51.04 3.92 12.30
N ALA B 96 49.94 3.79 11.56
CA ALA B 96 49.44 4.92 10.79
C ALA B 96 47.92 4.93 10.80
N ARG B 97 47.38 6.15 10.76
CA ARG B 97 45.98 6.38 10.45
C ARG B 97 45.73 6.32 8.95
N LEU B 98 44.61 5.74 8.57
CA LEU B 98 44.20 5.66 7.17
C LEU B 98 43.07 6.65 6.95
N ARG B 99 43.21 7.51 5.93
CA ARG B 99 42.23 8.54 5.63
C ARG B 99 41.42 8.14 4.40
N LEU B 100 40.10 8.17 4.54
CA LEU B 100 39.19 7.97 3.43
C LEU B 100 38.91 9.30 2.72
N SER B 101 38.71 9.22 1.41
CA SER B 101 38.04 10.31 0.71
C SER B 101 36.58 10.38 1.16
N SER B 102 35.93 11.50 0.83
CA SER B 102 34.53 11.65 1.18
C SER B 102 33.65 10.58 0.52
N SER B 103 34.14 9.95 -0.54
CA SER B 103 33.46 8.81 -1.13
C SER B 103 33.74 7.51 -0.38
N TRP B 104 34.35 7.59 0.80
CA TRP B 104 34.65 6.41 1.62
C TRP B 104 35.43 5.36 0.84
N TYR B 105 36.40 5.84 0.08
CA TYR B 105 37.46 5.02 -0.48
C TYR B 105 38.76 5.30 0.28
N PRO B 106 39.55 4.28 0.62
CA PRO B 106 40.85 4.54 1.26
C PRO B 106 41.83 5.11 0.24
N GLU B 107 42.45 6.25 0.58
CA GLU B 107 43.32 6.94 -0.33
C GLU B 107 44.76 7.01 0.13
N ALA B 108 45.01 7.42 1.38
CA ALA B 108 46.39 7.57 1.84
C ALA B 108 46.49 7.35 3.34
N PHE B 109 47.65 6.88 3.76
CA PHE B 109 48.04 6.92 5.17
C PHE B 109 48.59 8.30 5.52
N ASP B 110 48.21 8.80 6.68
CA ASP B 110 48.76 10.05 7.19
C ASP B 110 48.84 10.00 8.71
N TYR B 111 49.49 11.01 9.27
CA TYR B 111 49.81 11.05 10.71
C TYR B 111 50.56 9.80 11.17
N TRP B 112 51.54 9.37 10.38
CA TRP B 112 52.29 8.17 10.75
C TRP B 112 52.99 8.38 12.08
N GLY B 113 53.08 7.31 12.86
CA GLY B 113 53.80 7.36 14.11
C GLY B 113 55.31 7.39 13.91
N GLN B 114 56.02 7.64 15.01
CA GLN B 114 57.48 7.76 14.97
C GLN B 114 58.16 6.41 14.77
N GLY B 115 57.41 5.32 14.79
CA GLY B 115 57.94 4.00 14.55
C GLY B 115 58.51 3.35 15.79
N THR B 116 58.64 2.02 15.72
CA THR B 116 59.20 1.23 16.81
C THR B 116 59.89 0.03 16.22
N LEU B 117 61.03 -0.35 16.81
CA LEU B 117 61.87 -1.40 16.27
C LEU B 117 61.68 -2.69 17.06
N VAL B 118 61.59 -3.81 16.34
CA VAL B 118 61.54 -5.13 16.95
C VAL B 118 62.55 -6.02 16.24
N THR B 119 63.16 -6.93 17.01
CA THR B 119 64.26 -7.73 16.53
C THR B 119 64.17 -9.15 17.08
N VAL B 120 64.73 -10.09 16.34
CA VAL B 120 64.55 -11.51 16.62
C VAL B 120 65.82 -12.25 16.22
N SER B 121 66.63 -12.62 17.20
CA SER B 121 67.88 -13.31 16.94
C SER B 121 68.35 -13.97 18.24
N SER B 122 69.38 -14.80 18.11
CA SER B 122 69.98 -15.46 19.26
C SER B 122 70.45 -14.44 20.29
N ALA C 1 50.00 -11.25 -4.58
CA ALA C 1 49.52 -9.85 -4.41
C ALA C 1 49.66 -9.09 -5.71
N ILE C 2 49.03 -7.91 -5.78
CA ILE C 2 49.23 -7.00 -6.90
C ILE C 2 50.68 -6.53 -6.90
N LEU C 3 51.39 -6.80 -7.99
CA LEU C 3 52.80 -6.43 -8.09
C LEU C 3 52.89 -4.95 -8.44
N LEU C 4 53.43 -4.15 -7.51
CA LEU C 4 53.69 -2.74 -7.74
C LEU C 4 55.18 -2.53 -7.98
N THR C 5 55.51 -1.79 -9.04
CA THR C 5 56.89 -1.63 -9.47
C THR C 5 57.11 -0.20 -9.94
N GLN C 6 58.36 0.25 -9.85
CA GLN C 6 58.67 1.67 -9.96
C GLN C 6 60.06 1.81 -10.57
N SER C 7 60.27 2.93 -11.26
CA SER C 7 61.48 3.12 -12.04
C SER C 7 61.81 4.61 -12.06
N PRO C 8 63.09 4.98 -12.21
CA PRO C 8 64.28 4.14 -12.01
C PRO C 8 64.51 3.82 -10.54
N SER C 9 65.24 2.74 -10.25
CA SER C 9 65.52 2.39 -8.86
C SER C 9 66.38 3.44 -8.16
N SER C 10 67.25 4.12 -8.90
CA SER C 10 67.96 5.29 -8.39
C SER C 10 67.97 6.38 -9.45
N LEU C 11 67.76 7.61 -9.00
CA LEU C 11 67.55 8.75 -9.90
C LEU C 11 68.62 9.80 -9.63
N SER C 12 69.47 10.04 -10.62
CA SER C 12 70.42 11.14 -10.57
C SER C 12 69.70 12.47 -10.80
N ALA C 13 69.77 13.37 -9.82
CA ALA C 13 69.16 14.68 -9.97
C ALA C 13 69.85 15.67 -9.06
N SER C 14 69.89 16.93 -9.51
CA SER C 14 70.63 17.99 -8.83
C SER C 14 69.72 19.18 -8.60
N VAL C 15 70.13 20.05 -7.67
CA VAL C 15 69.29 21.14 -7.20
C VAL C 15 68.76 21.94 -8.36
N GLY C 16 67.43 22.13 -8.38
CA GLY C 16 66.76 22.88 -9.42
C GLY C 16 66.40 22.11 -10.67
N ASP C 17 66.81 20.85 -10.79
CA ASP C 17 66.37 20.04 -11.91
C ASP C 17 64.87 19.77 -11.83
N ARG C 18 64.26 19.62 -13.01
CA ARG C 18 62.92 19.07 -13.13
C ARG C 18 63.05 17.60 -13.51
N VAL C 19 62.33 16.73 -12.80
CA VAL C 19 62.52 15.29 -12.94
C VAL C 19 61.24 14.56 -12.57
N THR C 20 61.15 13.30 -12.99
CA THR C 20 59.96 12.49 -12.81
C THR C 20 60.36 11.09 -12.40
N ILE C 21 59.47 10.42 -11.67
CA ILE C 21 59.61 9.00 -11.33
C ILE C 21 58.33 8.29 -11.71
N THR C 22 58.45 6.99 -11.97
CA THR C 22 57.35 6.19 -12.49
C THR C 22 56.99 5.09 -11.48
N CYS C 23 55.69 4.84 -11.36
CA CYS C 23 55.15 3.76 -10.55
C CYS C 23 54.07 3.04 -11.34
N ARG C 24 54.06 1.71 -11.26
CA ARG C 24 53.20 0.91 -12.11
C ARG C 24 52.73 -0.31 -11.33
N ALA C 25 51.60 -0.86 -11.76
CA ALA C 25 51.06 -2.09 -11.20
C ALA C 25 50.90 -3.13 -12.30
N SER C 26 51.07 -4.39 -11.93
CA SER C 26 50.92 -5.49 -12.88
C SER C 26 49.48 -5.70 -13.34
N GLN C 27 48.51 -5.02 -12.75
CA GLN C 27 47.12 -5.15 -13.16
C GLN C 27 46.47 -3.78 -13.25
N GLY C 28 45.31 -3.75 -13.88
CA GLY C 28 44.59 -2.51 -14.13
C GLY C 28 43.97 -1.87 -12.90
N ILE C 29 44.77 -1.54 -11.89
CA ILE C 29 44.34 -0.54 -10.92
C ILE C 29 44.10 0.77 -11.66
N SER C 30 43.09 1.53 -11.22
CA SER C 30 42.65 2.71 -11.94
C SER C 30 42.84 4.01 -11.18
N SER C 31 42.98 3.96 -9.87
CA SER C 31 43.09 5.17 -9.05
C SER C 31 43.60 4.74 -7.67
N ALA C 32 43.61 5.68 -6.74
CA ALA C 32 44.02 5.41 -5.36
C ALA C 32 45.44 4.87 -5.30
N LEU C 33 46.31 5.41 -6.17
CA LEU C 33 47.75 5.42 -5.88
C LEU C 33 48.07 6.54 -4.92
N ALA C 34 48.95 6.27 -3.97
CA ALA C 34 49.42 7.28 -3.02
C ALA C 34 50.94 7.24 -2.96
N TRP C 35 51.54 8.42 -2.77
CA TRP C 35 52.98 8.59 -2.83
C TRP C 35 53.47 9.23 -1.53
N TYR C 36 54.63 8.80 -1.05
CA TYR C 36 55.14 9.20 0.24
C TYR C 36 56.60 9.61 0.11
N GLN C 37 56.97 10.68 0.80
CA GLN C 37 58.37 10.87 1.14
C GLN C 37 58.78 9.83 2.16
N GLN C 38 60.04 9.40 2.07
CA GLN C 38 60.68 8.76 3.20
C GLN C 38 62.11 9.26 3.30
N LYS C 39 62.57 9.47 4.54
CA LYS C 39 63.89 9.99 4.81
C LYS C 39 64.57 9.13 5.86
N PRO C 40 65.89 9.03 5.83
CA PRO C 40 66.59 8.15 6.78
C PRO C 40 66.20 8.47 8.22
N GLY C 41 65.87 7.41 8.97
CA GLY C 41 65.55 7.56 10.37
C GLY C 41 64.33 8.40 10.66
N ARG C 42 63.30 8.30 9.83
CA ARG C 42 62.11 9.13 9.96
C ARG C 42 60.89 8.33 9.56
N ALA C 43 59.73 8.85 9.93
CA ALA C 43 58.49 8.32 9.40
C ALA C 43 58.28 8.82 7.97
N PRO C 44 57.76 7.98 7.08
CA PRO C 44 57.29 8.49 5.79
C PRO C 44 56.22 9.54 5.96
N LYS C 45 56.03 10.34 4.92
CA LYS C 45 55.01 11.38 4.90
C LYS C 45 54.32 11.34 3.55
N VAL C 46 52.99 11.51 3.57
CA VAL C 46 52.23 11.53 2.33
C VAL C 46 52.52 12.80 1.54
N LEU C 47 52.52 12.65 0.21
CA LEU C 47 52.51 13.78 -0.71
C LEU C 47 51.28 13.80 -1.59
N ILE C 48 50.90 12.64 -2.13
CA ILE C 48 49.80 12.52 -3.08
C ILE C 48 48.82 11.51 -2.48
N TYR C 49 47.54 11.87 -2.46
CA TYR C 49 46.56 10.99 -1.85
C TYR C 49 45.70 10.26 -2.87
N ASP C 50 45.54 10.80 -4.07
CA ASP C 50 44.86 10.04 -5.13
C ASP C 50 45.34 10.55 -6.48
N ALA C 51 46.21 9.77 -7.12
CA ALA C 51 46.65 10.03 -8.48
C ALA C 51 47.18 11.43 -8.69
N SER C 52 46.37 12.32 -9.27
CA SER C 52 46.76 13.71 -9.49
C SER C 52 46.49 14.64 -8.32
N SER C 53 45.64 14.25 -7.37
CA SER C 53 45.16 15.21 -6.38
C SER C 53 46.23 15.37 -5.30
N LEU C 54 46.86 16.55 -5.27
CA LEU C 54 47.89 16.84 -4.29
C LEU C 54 47.31 16.90 -2.88
N ALA C 55 48.05 16.33 -1.93
CA ALA C 55 47.63 16.37 -0.54
C ALA C 55 47.80 17.76 0.05
N ASN C 56 46.99 18.06 1.06
CA ASN C 56 47.09 19.34 1.75
C ASN C 56 48.46 19.50 2.39
N GLY C 57 48.95 20.74 2.38
CA GLY C 57 50.25 21.09 2.94
C GLY C 57 51.44 20.59 2.15
N VAL C 58 51.23 19.92 1.02
CA VAL C 58 52.33 19.50 0.16
C VAL C 58 52.85 20.71 -0.61
N PRO C 59 54.15 20.83 -0.84
CA PRO C 59 54.63 21.88 -1.74
C PRO C 59 54.08 21.68 -3.14
N SER C 60 53.69 22.78 -3.78
CA SER C 60 53.13 22.74 -5.12
C SER C 60 54.13 22.27 -6.17
N ARG C 61 55.40 22.11 -5.82
CA ARG C 61 56.38 21.60 -6.78
C ARG C 61 56.00 20.22 -7.31
N PHE C 62 55.28 19.43 -6.53
CA PHE C 62 54.93 18.07 -6.93
C PHE C 62 53.59 18.05 -7.67
N SER C 63 53.45 17.08 -8.57
CA SER C 63 52.15 16.76 -9.13
C SER C 63 52.17 15.32 -9.63
N GLY C 64 50.98 14.77 -9.81
CA GLY C 64 50.83 13.43 -10.35
C GLY C 64 49.87 13.45 -11.52
N SER C 65 50.14 12.57 -12.48
CA SER C 65 49.27 12.45 -13.64
C SER C 65 49.39 11.04 -14.22
N GLY C 66 48.34 10.61 -14.87
CA GLY C 66 48.26 9.27 -15.43
C GLY C 66 46.83 8.78 -15.42
N SER C 67 46.68 7.45 -15.48
CA SER C 67 45.37 6.83 -15.59
C SER C 67 45.31 5.57 -14.73
N GLY C 68 45.81 5.69 -13.50
CA GLY C 68 45.94 4.54 -12.63
C GLY C 68 47.10 3.61 -12.92
N THR C 69 46.79 2.47 -13.55
CA THR C 69 47.77 1.40 -13.71
C THR C 69 49.09 1.89 -14.28
N ASP C 70 49.07 2.94 -15.09
CA ASP C 70 50.28 3.69 -15.42
C ASP C 70 50.20 5.07 -14.79
N PHE C 71 51.19 5.40 -13.97
CA PHE C 71 51.21 6.69 -13.30
C PHE C 71 52.65 7.16 -13.12
N THR C 72 52.79 8.47 -12.94
CA THR C 72 54.08 9.12 -12.78
C THR C 72 53.94 10.20 -11.72
N LEU C 73 55.05 10.48 -11.03
CA LEU C 73 55.17 11.63 -10.16
C LEU C 73 56.28 12.54 -10.67
N THR C 74 56.03 13.85 -10.62
CA THR C 74 56.82 14.84 -11.32
C THR C 74 57.19 15.97 -10.36
N ILE C 75 58.39 16.50 -10.52
CA ILE C 75 58.93 17.56 -9.67
C ILE C 75 59.15 18.78 -10.54
N ASN C 76 58.55 19.90 -10.14
CA ASN C 76 58.77 21.15 -10.86
C ASN C 76 60.18 21.70 -10.62
N SER C 77 60.73 21.49 -9.44
CA SER C 77 62.08 21.95 -9.14
C SER C 77 62.59 21.17 -7.94
N LEU C 78 63.76 20.56 -8.09
CA LEU C 78 64.35 19.72 -7.05
C LEU C 78 64.94 20.62 -5.96
N GLN C 79 64.11 20.95 -4.98
CA GLN C 79 64.59 21.66 -3.81
C GLN C 79 65.35 20.70 -2.91
N PRO C 80 66.59 21.02 -2.53
CA PRO C 80 67.40 20.03 -1.79
C PRO C 80 66.76 19.55 -0.51
N GLU C 81 65.83 20.31 0.06
CA GLU C 81 65.05 19.84 1.21
C GLU C 81 64.31 18.54 0.91
N ASP C 82 64.07 18.22 -0.36
CA ASP C 82 63.34 17.00 -0.73
C ASP C 82 64.25 15.94 -1.33
N PHE C 83 65.56 16.03 -1.15
CA PHE C 83 66.40 14.85 -1.30
C PHE C 83 65.99 13.78 -0.31
N ALA C 84 65.56 12.62 -0.83
CA ALA C 84 64.86 11.63 -0.03
C ALA C 84 64.80 10.30 -0.79
N THR C 85 63.89 9.42 -0.40
CA THR C 85 63.46 8.31 -1.23
C THR C 85 61.94 8.30 -1.33
N TYR C 86 61.43 8.10 -2.54
CA TYR C 86 60.01 8.25 -2.83
C TYR C 86 59.38 6.89 -3.03
N TYR C 87 58.26 6.65 -2.34
CA TYR C 87 57.56 5.38 -2.39
C TYR C 87 56.15 5.61 -2.91
N CYS C 88 55.63 4.62 -3.63
CA CYS C 88 54.26 4.64 -4.12
C CYS C 88 53.48 3.45 -3.59
N GLN C 89 52.16 3.64 -3.51
CA GLN C 89 51.23 2.65 -3.00
C GLN C 89 50.05 2.53 -3.94
N GLN C 90 49.34 1.40 -3.85
CA GLN C 90 48.03 1.25 -4.45
C GLN C 90 47.02 0.85 -3.38
N PHE C 91 45.77 1.33 -3.56
CA PHE C 91 44.65 0.95 -2.70
C PHE C 91 43.51 0.32 -3.49
N ASN C 92 43.72 -0.05 -4.75
CA ASN C 92 42.65 -0.62 -5.54
C ASN C 92 42.33 -2.05 -5.14
N TYR C 93 43.26 -2.75 -4.48
CA TYR C 93 43.04 -4.11 -4.06
C TYR C 93 43.68 -4.34 -2.70
N TYR C 94 43.12 -5.26 -1.93
CA TYR C 94 43.86 -5.91 -0.87
C TYR C 94 44.73 -7.02 -1.44
N PRO C 95 45.82 -7.38 -0.76
CA PRO C 95 46.44 -6.69 0.38
C PRO C 95 47.11 -5.39 -0.05
N LEU C 96 47.18 -4.40 0.82
CA LEU C 96 47.91 -3.18 0.50
C LEU C 96 49.40 -3.48 0.36
N THR C 97 50.05 -2.77 -0.55
CA THR C 97 51.44 -3.08 -0.86
C THR C 97 52.13 -1.84 -1.40
N PHE C 98 53.46 -1.83 -1.31
CA PHE C 98 54.27 -0.73 -1.78
C PHE C 98 55.32 -1.25 -2.76
N GLY C 99 55.68 -0.41 -3.73
CA GLY C 99 56.83 -0.69 -4.57
C GLY C 99 58.12 -0.66 -3.77
N GLY C 100 59.20 -1.02 -4.46
CA GLY C 100 60.52 -0.87 -3.89
C GLY C 100 60.94 0.56 -3.65
N GLY C 101 60.19 1.52 -4.19
CA GLY C 101 60.54 2.92 -4.07
C GLY C 101 61.65 3.32 -5.03
N THR C 102 62.06 4.59 -4.90
CA THR C 102 63.07 5.17 -5.77
C THR C 102 64.04 6.00 -4.95
N LYS C 103 65.33 5.88 -5.25
CA LYS C 103 66.34 6.78 -4.71
C LYS C 103 66.46 8.01 -5.60
N VAL C 104 66.88 9.12 -4.99
CA VAL C 104 67.40 10.27 -5.73
C VAL C 104 68.85 10.50 -5.32
N GLU C 105 69.68 10.83 -6.30
CA GLU C 105 71.12 10.93 -6.13
C GLU C 105 71.60 12.29 -6.61
N ILE C 106 72.41 12.97 -5.79
CA ILE C 106 72.60 14.40 -5.97
C ILE C 106 73.25 14.71 -7.30
N LYS C 107 74.03 13.77 -7.84
CA LYS C 107 74.70 13.91 -9.13
C LYS C 107 75.23 15.33 -9.35
N GLN D 1 -28.78 -20.73 -4.89
CA GLN D 1 -28.90 -19.43 -4.18
C GLN D 1 -27.87 -19.35 -3.06
N LEU D 2 -27.67 -18.14 -2.53
CA LEU D 2 -26.98 -17.94 -1.27
C LEU D 2 -27.75 -16.92 -0.44
N GLN D 3 -27.49 -16.92 0.86
CA GLN D 3 -28.05 -15.91 1.75
C GLN D 3 -26.98 -15.47 2.74
N LEU D 4 -27.16 -14.25 3.27
CA LEU D 4 -26.14 -13.62 4.09
C LEU D 4 -26.81 -12.86 5.23
N GLN D 5 -26.08 -12.68 6.33
CA GLN D 5 -26.59 -11.89 7.46
C GLN D 5 -25.42 -11.16 8.11
N GLU D 6 -25.28 -9.87 7.81
CA GLU D 6 -24.22 -9.05 8.38
C GLU D 6 -24.46 -8.80 9.86
N SER D 7 -24.23 -9.80 10.70
CA SER D 7 -24.76 -9.85 12.06
C SER D 7 -23.82 -9.18 13.07
N GLY D 8 -23.31 -7.99 12.76
CA GLY D 8 -22.36 -7.33 13.63
C GLY D 8 -22.99 -6.27 14.51
N PRO D 9 -22.17 -5.64 15.36
CA PRO D 9 -22.71 -4.61 16.26
C PRO D 9 -23.18 -3.38 15.51
N GLY D 10 -24.29 -2.82 15.97
CA GLY D 10 -24.81 -1.59 15.40
C GLY D 10 -24.22 -0.32 15.99
N LEU D 11 -23.56 -0.43 17.15
CA LEU D 11 -23.00 0.73 17.83
C LEU D 11 -21.67 0.36 18.46
N VAL D 12 -20.67 1.23 18.29
CA VAL D 12 -19.40 1.11 18.99
C VAL D 12 -18.88 2.50 19.34
N LYS D 13 -18.10 2.57 20.42
CA LYS D 13 -17.45 3.81 20.79
C LYS D 13 -16.41 4.20 19.74
N PRO D 14 -16.04 5.47 19.66
CA PRO D 14 -14.78 5.84 19.02
C PRO D 14 -13.60 5.10 19.63
N SER D 15 -12.58 4.84 18.81
CA SER D 15 -11.39 4.10 19.17
C SER D 15 -11.67 2.66 19.58
N GLU D 16 -12.89 2.17 19.39
CA GLU D 16 -13.17 0.75 19.55
C GLU D 16 -12.98 0.06 18.20
N THR D 17 -13.45 -1.19 18.08
CA THR D 17 -13.27 -1.97 16.87
C THR D 17 -14.59 -2.62 16.48
N LEU D 18 -14.83 -2.71 15.18
CA LEU D 18 -15.97 -3.46 14.66
C LEU D 18 -15.65 -4.96 14.64
N SER D 19 -16.71 -5.76 14.53
CA SER D 19 -16.56 -7.19 14.27
C SER D 19 -17.69 -7.67 13.36
N LEU D 20 -17.96 -6.93 12.28
CA LEU D 20 -19.01 -7.31 11.36
C LEU D 20 -18.72 -8.69 10.78
N THR D 21 -19.75 -9.55 10.80
CA THR D 21 -19.61 -10.97 10.50
C THR D 21 -20.68 -11.37 9.51
N CYS D 22 -20.29 -12.14 8.50
CA CYS D 22 -21.15 -12.50 7.38
C CYS D 22 -21.13 -14.01 7.21
N THR D 23 -22.06 -14.70 7.86
CA THR D 23 -22.30 -16.10 7.55
C THR D 23 -22.89 -16.22 6.15
N VAL D 24 -22.43 -17.21 5.41
CA VAL D 24 -23.00 -17.57 4.11
C VAL D 24 -23.70 -18.91 4.26
N SER D 25 -24.91 -19.01 3.72
CA SER D 25 -25.71 -20.22 3.77
C SER D 25 -26.08 -20.66 2.36
N GLY D 26 -26.18 -21.97 2.18
CA GLY D 26 -26.33 -22.56 0.86
C GLY D 26 -25.02 -23.01 0.25
N GLY D 27 -23.90 -22.82 0.93
CA GLY D 27 -22.60 -23.24 0.42
C GLY D 27 -21.55 -23.03 1.49
N SER D 28 -20.31 -23.36 1.13
CA SER D 28 -19.20 -23.24 2.05
C SER D 28 -17.93 -23.00 1.28
N ILE D 29 -17.08 -22.09 1.80
CA ILE D 29 -15.87 -21.72 1.10
C ILE D 29 -14.85 -22.84 1.10
N THR D 30 -15.04 -23.85 1.94
CA THR D 30 -14.25 -25.09 1.83
C THR D 30 -14.28 -25.67 0.43
N THR D 31 -15.35 -25.43 -0.33
CA THR D 31 -15.47 -26.05 -1.65
C THR D 31 -14.48 -25.43 -2.63
N SER D 32 -14.29 -24.12 -2.56
CA SER D 32 -13.39 -23.41 -3.47
C SER D 32 -13.55 -21.90 -3.31
N HIS D 33 -12.45 -21.17 -3.46
CA HIS D 33 -12.46 -19.72 -3.34
C HIS D 33 -13.68 -19.11 -3.99
N TYR D 34 -14.35 -18.21 -3.27
CA TYR D 34 -15.36 -17.33 -3.84
C TYR D 34 -14.82 -15.90 -3.82
N TYR D 35 -14.94 -15.21 -4.95
CA TYR D 35 -14.73 -13.77 -4.94
C TYR D 35 -15.72 -13.12 -3.99
N TRP D 36 -15.22 -12.31 -3.07
CA TRP D 36 -16.09 -11.67 -2.10
C TRP D 36 -15.42 -10.40 -1.60
N GLY D 37 -16.21 -9.55 -0.95
CA GLY D 37 -15.66 -8.36 -0.33
C GLY D 37 -16.68 -7.67 0.54
N TRP D 38 -16.20 -6.66 1.26
CA TRP D 38 -17.03 -5.75 2.03
C TRP D 38 -17.16 -4.43 1.29
N ILE D 39 -18.39 -3.96 1.11
CA ILE D 39 -18.66 -2.67 0.50
C ILE D 39 -19.25 -1.76 1.56
N ARG D 40 -19.03 -0.46 1.40
CA ARG D 40 -19.47 0.52 2.38
C ARG D 40 -20.27 1.60 1.67
N GLN D 41 -21.17 2.24 2.41
CA GLN D 41 -21.78 3.48 2.00
C GLN D 41 -22.05 4.37 3.23
N PRO D 42 -21.32 5.46 3.41
CA PRO D 42 -21.75 6.45 4.39
C PRO D 42 -22.99 7.18 3.89
N PRO D 43 -23.82 7.68 4.80
CA PRO D 43 -25.08 8.29 4.36
C PRO D 43 -24.84 9.42 3.36
N GLY D 44 -25.65 9.45 2.31
CA GLY D 44 -25.55 10.50 1.33
C GLY D 44 -24.32 10.43 0.45
N LYS D 45 -23.76 9.24 0.24
CA LYS D 45 -22.61 9.07 -0.63
C LYS D 45 -22.81 7.84 -1.49
N GLY D 46 -22.01 7.74 -2.55
CA GLY D 46 -21.98 6.53 -3.35
C GLY D 46 -21.34 5.38 -2.60
N LEU D 47 -21.35 4.22 -3.25
CA LEU D 47 -20.72 3.04 -2.68
C LEU D 47 -19.21 3.20 -2.59
N GLU D 48 -18.64 2.70 -1.49
CA GLU D 48 -17.21 2.84 -1.20
C GLU D 48 -16.68 1.49 -0.75
N TRP D 49 -15.49 1.14 -1.22
CA TRP D 49 -14.85 -0.11 -0.84
C TRP D 49 -14.35 -0.11 0.59
N VAL D 50 -14.37 -1.30 1.19
CA VAL D 50 -13.63 -1.59 2.42
C VAL D 50 -12.50 -2.57 2.15
N GLY D 51 -12.83 -3.74 1.61
CA GLY D 51 -11.83 -4.77 1.39
C GLY D 51 -12.43 -5.91 0.62
N SER D 52 -11.56 -6.80 0.15
CA SER D 52 -11.91 -7.72 -0.92
C SER D 52 -10.97 -8.90 -0.87
N MET D 53 -11.34 -9.97 -1.58
CA MET D 53 -10.46 -11.10 -1.81
C MET D 53 -10.87 -11.73 -3.12
N TYR D 54 -10.08 -11.53 -4.16
CA TYR D 54 -10.36 -12.18 -5.44
C TYR D 54 -10.09 -13.68 -5.33
N TYR D 55 -10.31 -14.40 -6.43
CA TYR D 55 -9.99 -15.82 -6.48
C TYR D 55 -8.50 -16.10 -6.29
N SER D 56 -7.68 -15.05 -6.20
CA SER D 56 -6.27 -15.23 -5.90
C SER D 56 -6.00 -15.53 -4.45
N GLY D 57 -6.93 -15.22 -3.54
CA GLY D 57 -6.56 -15.07 -2.16
C GLY D 57 -5.81 -13.80 -1.85
N GLY D 58 -5.69 -12.90 -2.81
CA GLY D 58 -5.03 -11.63 -2.60
C GLY D 58 -5.96 -10.57 -2.05
N ILE D 59 -5.84 -10.28 -0.76
CA ILE D 59 -6.65 -9.25 -0.14
C ILE D 59 -6.40 -7.91 -0.82
N TYR D 60 -7.45 -7.11 -0.94
CA TYR D 60 -7.33 -5.69 -1.18
C TYR D 60 -7.89 -4.91 0.00
N TYR D 61 -7.31 -3.74 0.27
CA TYR D 61 -7.83 -2.80 1.25
C TYR D 61 -7.94 -1.43 0.61
N ASN D 62 -8.98 -0.69 0.94
CA ASN D 62 -9.09 0.68 0.46
C ASN D 62 -8.13 1.57 1.25
N PRO D 63 -7.18 2.25 0.60
CA PRO D 63 -6.14 2.94 1.35
C PRO D 63 -6.64 4.10 2.20
N SER D 64 -7.78 4.71 1.85
CA SER D 64 -8.29 5.84 2.60
C SER D 64 -8.66 5.47 4.04
N LEU D 65 -8.82 4.19 4.36
CA LEU D 65 -8.98 3.79 5.75
C LEU D 65 -7.66 3.74 6.52
N LYS D 66 -6.56 4.20 5.90
CA LYS D 66 -5.28 4.33 6.59
C LYS D 66 -4.78 2.99 7.13
N GLY D 67 -5.09 1.90 6.42
CA GLY D 67 -4.66 0.59 6.85
C GLY D 67 -5.35 0.07 8.10
N ARG D 68 -6.41 0.73 8.56
CA ARG D 68 -7.14 0.24 9.73
C ARG D 68 -7.86 -1.06 9.42
N VAL D 69 -8.05 -1.39 8.15
CA VAL D 69 -8.92 -2.50 7.78
C VAL D 69 -8.28 -3.83 8.16
N THR D 70 -9.11 -4.87 8.23
CA THR D 70 -8.60 -6.23 8.26
C THR D 70 -9.71 -7.16 7.77
N ILE D 71 -9.50 -7.78 6.62
CA ILE D 71 -10.37 -8.84 6.14
C ILE D 71 -9.99 -10.14 6.83
N SER D 72 -10.96 -11.03 7.01
CA SER D 72 -10.64 -12.44 7.13
C SER D 72 -11.81 -13.28 6.65
N VAL D 73 -11.52 -14.23 5.76
CA VAL D 73 -12.38 -15.39 5.59
C VAL D 73 -12.24 -16.30 6.80
N ASP D 74 -13.21 -17.20 6.97
CA ASP D 74 -13.07 -18.32 7.89
C ASP D 74 -13.78 -19.51 7.26
N THR D 75 -12.99 -20.40 6.66
CA THR D 75 -13.53 -21.58 6.00
C THR D 75 -14.18 -22.57 6.96
N SER D 76 -13.93 -22.43 8.27
CA SER D 76 -14.47 -23.40 9.22
C SER D 76 -15.97 -23.30 9.38
N LYS D 77 -16.57 -22.13 9.11
CA LYS D 77 -17.95 -21.88 9.49
C LYS D 77 -18.77 -21.28 8.35
N ASN D 78 -18.25 -21.28 7.13
CA ASN D 78 -18.90 -20.58 6.02
C ASN D 78 -19.15 -19.12 6.38
N GLN D 79 -18.06 -18.41 6.69
CA GLN D 79 -18.16 -17.15 7.39
C GLN D 79 -17.14 -16.16 6.83
N PHE D 80 -17.41 -14.87 7.03
CA PHE D 80 -16.47 -13.79 6.78
C PHE D 80 -16.46 -12.82 7.94
N SER D 81 -15.40 -12.01 8.02
CA SER D 81 -15.25 -11.09 9.13
C SER D 81 -14.57 -9.82 8.63
N LEU D 82 -14.85 -8.72 9.32
CA LEU D 82 -14.14 -7.45 9.13
C LEU D 82 -13.90 -6.85 10.50
N LYS D 83 -12.66 -6.43 10.77
CA LYS D 83 -12.22 -6.07 12.10
C LYS D 83 -11.64 -4.66 12.13
N LEU D 84 -12.38 -3.70 11.58
CA LEU D 84 -11.88 -2.34 11.43
C LEU D 84 -11.44 -1.78 12.77
N SER D 85 -10.21 -1.28 12.82
CA SER D 85 -9.60 -0.77 14.04
C SER D 85 -9.77 0.74 14.17
N SER D 86 -9.68 1.21 15.41
CA SER D 86 -9.63 2.64 15.74
C SER D 86 -10.78 3.41 15.09
N VAL D 87 -11.98 2.83 15.17
CA VAL D 87 -13.14 3.40 14.50
C VAL D 87 -13.34 4.84 14.95
N THR D 88 -13.84 5.68 14.03
CA THR D 88 -13.96 7.10 14.28
C THR D 88 -15.22 7.63 13.63
N ALA D 89 -15.74 8.73 14.19
CA ALA D 89 -17.07 9.23 13.86
C ALA D 89 -17.27 9.51 12.37
N ALA D 90 -16.19 9.60 11.59
CA ALA D 90 -16.35 9.74 10.14
C ALA D 90 -16.82 8.46 9.47
N ASP D 91 -16.74 7.31 10.14
CA ASP D 91 -17.05 6.03 9.52
C ASP D 91 -18.51 5.61 9.68
N THR D 92 -19.40 6.51 10.06
CA THR D 92 -20.82 6.18 10.09
C THR D 92 -21.27 5.74 8.71
N ALA D 93 -21.68 4.49 8.58
CA ALA D 93 -22.03 3.96 7.27
C ALA D 93 -22.88 2.71 7.41
N VAL D 94 -23.58 2.37 6.34
CA VAL D 94 -24.05 1.01 6.12
C VAL D 94 -22.94 0.19 5.48
N TYR D 95 -22.96 -1.11 5.73
CA TYR D 95 -21.97 -2.03 5.17
C TYR D 95 -22.70 -3.21 4.54
N TYR D 96 -22.18 -3.69 3.41
CA TYR D 96 -22.73 -4.86 2.73
C TYR D 96 -21.63 -5.90 2.58
N CYS D 97 -21.89 -7.09 3.10
CA CYS D 97 -21.14 -8.26 2.68
C CYS D 97 -21.61 -8.69 1.29
N ALA D 98 -20.67 -9.06 0.43
CA ALA D 98 -21.06 -9.51 -0.90
C ALA D 98 -20.13 -10.59 -1.42
N LEU D 99 -20.71 -11.53 -2.15
CA LEU D 99 -20.02 -12.67 -2.74
C LEU D 99 -20.33 -12.66 -4.22
N ALA D 100 -19.44 -13.24 -5.02
CA ALA D 100 -19.81 -13.58 -6.39
C ALA D 100 -20.12 -15.07 -6.46
N ASP D 101 -21.39 -15.41 -6.29
CA ASP D 101 -21.82 -16.78 -6.51
C ASP D 101 -21.77 -17.10 -7.99
N ALA D 102 -22.45 -16.28 -8.79
CA ALA D 102 -22.21 -16.16 -10.22
C ALA D 102 -22.67 -14.79 -10.65
N PRO D 103 -22.23 -14.30 -11.80
CA PRO D 103 -21.17 -14.80 -12.68
C PRO D 103 -19.77 -14.33 -12.29
N ASP D 104 -18.83 -14.45 -13.23
CA ASP D 104 -17.41 -14.59 -12.91
C ASP D 104 -16.91 -13.53 -11.93
N ASP D 105 -17.18 -12.26 -12.21
CA ASP D 105 -16.80 -11.18 -11.29
C ASP D 105 -17.85 -10.07 -11.20
N ALA D 106 -19.04 -10.41 -10.74
CA ALA D 106 -20.02 -9.44 -10.31
C ALA D 106 -20.61 -9.86 -8.97
N PHE D 107 -20.83 -8.89 -8.08
CA PHE D 107 -21.50 -9.16 -6.81
C PHE D 107 -22.98 -9.38 -7.09
N ASP D 108 -23.41 -10.64 -7.06
CA ASP D 108 -24.84 -10.95 -7.08
C ASP D 108 -25.46 -11.03 -5.69
N ILE D 109 -24.81 -11.75 -4.78
CA ILE D 109 -25.42 -12.04 -3.47
C ILE D 109 -24.92 -10.96 -2.51
N TRP D 110 -25.61 -9.82 -2.51
CA TRP D 110 -25.46 -8.84 -1.45
C TRP D 110 -26.30 -9.25 -0.26
N GLY D 111 -25.73 -9.10 0.93
CA GLY D 111 -26.48 -9.37 2.15
C GLY D 111 -27.46 -8.25 2.44
N GLN D 112 -27.87 -8.17 3.70
CA GLN D 112 -28.78 -7.14 4.14
C GLN D 112 -27.99 -5.91 4.57
N GLY D 113 -28.58 -4.75 4.33
CA GLY D 113 -27.91 -3.51 4.68
C GLY D 113 -27.87 -3.24 6.17
N THR D 114 -27.00 -3.96 6.89
CA THR D 114 -26.70 -3.57 8.25
C THR D 114 -25.99 -2.22 8.26
N MET D 115 -26.05 -1.56 9.41
CA MET D 115 -25.35 -0.29 9.59
C MET D 115 -24.79 -0.24 10.99
N VAL D 116 -23.72 0.54 11.14
CA VAL D 116 -23.13 0.82 12.45
C VAL D 116 -22.92 2.33 12.56
N THR D 117 -23.26 2.87 13.72
CA THR D 117 -23.07 4.28 14.01
C THR D 117 -22.14 4.43 15.20
N VAL D 118 -21.43 5.54 15.26
CA VAL D 118 -20.17 5.60 15.99
C VAL D 118 -20.07 6.92 16.74
N SER D 119 -20.49 6.92 18.00
CA SER D 119 -20.46 8.13 18.81
C SER D 119 -20.58 7.74 20.27
N SER D 120 -20.24 8.70 21.13
CA SER D 120 -20.20 8.43 22.57
C SER D 120 -21.57 8.10 23.14
N ALA D 121 -22.64 8.56 22.49
CA ALA D 121 -23.98 8.38 23.05
C ALA D 121 -24.27 6.90 23.27
N SER D 122 -24.93 6.61 24.39
CA SER D 122 -25.41 5.27 24.68
C SER D 122 -26.54 4.88 23.74
N THR D 123 -26.82 3.58 23.71
CA THR D 123 -28.11 3.11 23.23
C THR D 123 -29.24 3.66 24.10
N LYS D 124 -30.40 3.84 23.48
CA LYS D 124 -31.55 4.44 24.15
C LYS D 124 -32.82 3.90 23.48
N GLY D 125 -33.52 3.01 24.18
CA GLY D 125 -34.69 2.39 23.63
C GLY D 125 -35.80 3.38 23.31
N PRO D 126 -36.55 3.13 22.24
CA PRO D 126 -37.60 4.08 21.85
C PRO D 126 -38.66 4.20 22.94
N SER D 127 -39.39 5.32 22.88
CA SER D 127 -40.70 5.45 23.49
C SER D 127 -41.73 5.76 22.41
N VAL D 128 -42.95 5.26 22.63
CA VAL D 128 -43.98 5.25 21.60
C VAL D 128 -45.22 5.95 22.13
N PHE D 129 -45.82 6.80 21.30
CA PHE D 129 -47.00 7.55 21.66
C PHE D 129 -48.07 7.38 20.59
N PRO D 130 -49.32 7.15 20.98
CA PRO D 130 -50.36 6.94 19.97
C PRO D 130 -50.72 8.23 19.25
N LEU D 131 -51.09 8.08 17.98
CA LEU D 131 -51.44 9.21 17.12
C LEU D 131 -52.69 8.83 16.33
N ALA D 132 -53.85 9.24 16.82
CA ALA D 132 -55.13 8.81 16.28
C ALA D 132 -56.10 9.98 16.29
N PRO D 133 -57.02 10.03 15.34
CA PRO D 133 -57.78 11.26 15.09
C PRO D 133 -58.84 11.50 16.15
N SER D 134 -59.31 12.75 16.18
CA SER D 134 -60.55 13.08 16.83
C SER D 134 -61.74 12.56 16.02
N SER D 135 -62.94 12.79 16.54
CA SER D 135 -64.14 12.77 15.70
C SER D 135 -64.10 13.90 14.67
N THR D 142 -62.68 8.54 5.17
CA THR D 142 -61.36 8.00 5.47
C THR D 142 -60.65 8.82 6.53
N ALA D 143 -59.74 8.19 7.26
CA ALA D 143 -58.94 8.87 8.26
C ALA D 143 -57.55 8.23 8.28
N ALA D 144 -56.58 8.98 8.79
CA ALA D 144 -55.25 8.45 9.02
C ALA D 144 -55.11 7.91 10.43
N LEU D 145 -54.19 6.96 10.60
CA LEU D 145 -53.77 6.50 11.91
C LEU D 145 -52.25 6.39 11.91
N GLY D 146 -51.67 6.36 13.10
CA GLY D 146 -50.23 6.27 13.22
C GLY D 146 -49.82 6.18 14.67
N CYS D 147 -48.51 6.10 14.87
CA CYS D 147 -47.91 6.28 16.18
C CYS D 147 -46.55 6.95 16.01
N LEU D 148 -46.13 7.68 17.03
CA LEU D 148 -44.91 8.48 16.98
C LEU D 148 -43.83 7.89 17.88
N VAL D 149 -42.63 7.76 17.33
CA VAL D 149 -41.50 7.12 17.99
C VAL D 149 -40.43 8.18 18.16
N LYS D 150 -39.96 8.37 19.40
CA LYS D 150 -39.06 9.48 19.68
C LYS D 150 -38.04 9.10 20.73
N ASP D 151 -36.99 9.92 20.82
CA ASP D 151 -35.91 9.76 21.80
C ASP D 151 -35.27 8.38 21.71
N TYR D 152 -35.00 7.93 20.49
CA TYR D 152 -34.47 6.59 20.26
C TYR D 152 -33.11 6.70 19.57
N PHE D 153 -32.23 5.77 19.89
CA PHE D 153 -30.90 5.68 19.29
C PHE D 153 -30.39 4.27 19.53
N PRO D 154 -29.50 3.74 18.67
CA PRO D 154 -28.98 4.21 17.37
C PRO D 154 -29.97 4.13 16.21
N GLU D 155 -29.47 4.51 15.03
CA GLU D 155 -30.33 4.93 13.93
C GLU D 155 -31.44 3.95 13.56
N PRO D 156 -31.19 2.66 13.42
CA PRO D 156 -32.20 1.81 12.76
C PRO D 156 -33.28 1.30 13.70
N VAL D 157 -34.52 1.67 13.40
CA VAL D 157 -35.71 1.12 14.06
C VAL D 157 -36.71 0.73 12.99
N THR D 158 -37.46 -0.33 13.25
CA THR D 158 -38.45 -0.84 12.32
C THR D 158 -39.83 -0.83 12.96
N VAL D 159 -40.85 -0.56 12.15
CA VAL D 159 -42.24 -0.62 12.59
C VAL D 159 -43.04 -1.44 11.59
N SER D 160 -44.07 -2.13 12.09
CA SER D 160 -45.00 -2.85 11.24
C SER D 160 -46.36 -2.86 11.92
N TRP D 161 -47.41 -2.96 11.12
CA TRP D 161 -48.77 -2.68 11.56
C TRP D 161 -49.59 -3.96 11.64
N ASN D 162 -50.31 -4.13 12.76
CA ASN D 162 -51.04 -5.35 13.07
C ASN D 162 -50.14 -6.57 12.93
N SER D 163 -48.94 -6.48 13.52
CA SER D 163 -47.94 -7.52 13.45
C SER D 163 -47.69 -7.99 12.01
N GLY D 164 -47.85 -7.07 11.05
CA GLY D 164 -47.62 -7.38 9.65
C GLY D 164 -48.88 -7.54 8.83
N ALA D 165 -50.05 -7.63 9.46
CA ALA D 165 -51.28 -7.83 8.68
C ALA D 165 -51.56 -6.64 7.78
N LEU D 166 -51.33 -5.42 8.26
CA LEU D 166 -51.54 -4.22 7.47
C LEU D 166 -50.26 -3.86 6.72
N THR D 167 -49.85 -4.79 5.85
CA THR D 167 -48.65 -4.61 5.05
C THR D 167 -48.82 -3.52 3.99
N SER D 168 -50.05 -3.16 3.65
CA SER D 168 -50.30 -2.18 2.60
C SER D 168 -51.14 -1.03 3.14
N GLY D 169 -50.98 0.13 2.51
CA GLY D 169 -51.59 1.34 3.02
C GLY D 169 -50.84 1.97 4.16
N VAL D 170 -49.52 1.84 4.18
CA VAL D 170 -48.70 2.27 5.31
C VAL D 170 -47.61 3.20 4.79
N HIS D 171 -47.30 4.24 5.57
CA HIS D 171 -46.13 5.06 5.34
C HIS D 171 -45.32 5.17 6.63
N THR D 172 -44.00 5.17 6.47
CA THR D 172 -43.08 5.46 7.56
C THR D 172 -42.07 6.49 7.09
N PHE D 173 -41.72 7.42 7.97
CA PHE D 173 -40.92 8.58 7.60
C PHE D 173 -39.49 8.42 8.09
N PRO D 174 -38.49 8.58 7.22
CA PRO D 174 -37.10 8.52 7.68
C PRO D 174 -36.84 9.42 8.89
N ALA D 175 -36.17 8.85 9.89
CA ALA D 175 -35.95 9.52 11.15
C ALA D 175 -35.07 10.75 10.97
N VAL D 176 -35.15 11.67 11.94
CA VAL D 176 -34.40 12.91 11.90
C VAL D 176 -33.85 13.20 13.28
N LEU D 177 -32.77 13.97 13.32
CA LEU D 177 -32.13 14.34 14.57
C LEU D 177 -33.04 15.26 15.38
N GLN D 178 -33.34 14.84 16.61
CA GLN D 178 -33.88 15.75 17.61
C GLN D 178 -32.79 16.71 18.08
N SER D 179 -33.22 17.85 18.63
CA SER D 179 -32.28 18.87 19.05
C SER D 179 -31.29 18.33 20.09
N SER D 180 -31.69 17.31 20.84
CA SER D 180 -30.79 16.68 21.80
C SER D 180 -29.81 15.72 21.15
N GLY D 181 -29.95 15.47 19.85
CA GLY D 181 -29.08 14.56 19.13
C GLY D 181 -29.57 13.14 19.04
N LEU D 182 -30.66 12.81 19.73
CA LEU D 182 -31.36 11.55 19.53
C LEU D 182 -32.12 11.59 18.21
N TYR D 183 -32.57 10.41 17.78
CA TYR D 183 -33.45 10.34 16.62
C TYR D 183 -34.90 10.41 17.08
N SER D 184 -35.79 10.75 16.15
CA SER D 184 -37.21 10.50 16.30
C SER D 184 -37.80 10.06 14.97
N LEU D 185 -38.88 9.30 15.05
CA LEU D 185 -39.53 8.74 13.88
C LEU D 185 -41.04 8.77 14.08
N SER D 186 -41.77 8.82 12.98
CA SER D 186 -43.22 8.69 12.99
C SER D 186 -43.63 7.82 11.82
N SER D 187 -44.78 7.16 11.98
CA SER D 187 -45.34 6.35 10.90
C SER D 187 -46.85 6.40 10.99
N VAL D 188 -47.51 6.22 9.85
CA VAL D 188 -48.93 6.52 9.70
C VAL D 188 -49.53 5.55 8.70
N VAL D 189 -50.85 5.38 8.78
CA VAL D 189 -51.60 4.51 7.89
C VAL D 189 -52.91 5.20 7.52
N THR D 190 -53.40 4.91 6.33
CA THR D 190 -54.67 5.44 5.85
C THR D 190 -55.72 4.34 5.85
N VAL D 191 -56.83 4.60 6.52
CA VAL D 191 -57.78 3.55 6.91
C VAL D 191 -59.18 3.99 6.54
N PRO D 192 -60.06 3.08 6.11
CA PRO D 192 -61.48 3.45 5.96
C PRO D 192 -62.13 3.71 7.30
N SER D 193 -62.76 4.88 7.43
CA SER D 193 -63.27 5.32 8.72
C SER D 193 -64.38 4.43 9.26
N SER D 194 -65.03 3.64 8.39
CA SER D 194 -65.98 2.65 8.88
C SER D 194 -65.32 1.65 9.83
N SER D 195 -64.01 1.43 9.69
CA SER D 195 -63.29 0.54 10.59
C SER D 195 -62.73 1.26 11.81
N LEU D 196 -62.72 2.59 11.80
CA LEU D 196 -62.06 3.34 12.86
C LEU D 196 -62.70 3.05 14.21
N GLY D 197 -61.86 2.69 15.18
CA GLY D 197 -62.33 2.37 16.52
C GLY D 197 -63.01 1.02 16.67
N THR D 198 -63.83 0.64 15.71
CA THR D 198 -64.47 -0.68 15.78
C THR D 198 -63.47 -1.80 15.54
N GLN D 199 -62.47 -1.57 14.67
CA GLN D 199 -61.38 -2.51 14.48
C GLN D 199 -60.13 -2.00 15.19
N THR D 200 -59.46 -2.90 15.90
CA THR D 200 -58.23 -2.53 16.61
C THR D 200 -57.08 -2.37 15.62
N TYR D 201 -56.20 -1.40 15.91
CA TYR D 201 -54.96 -1.21 15.17
C TYR D 201 -53.80 -1.12 16.16
N ILE D 202 -52.71 -1.82 15.85
CA ILE D 202 -51.56 -1.91 16.72
C ILE D 202 -50.34 -1.39 15.96
N CYS D 203 -49.71 -0.36 16.49
CA CYS D 203 -48.38 0.07 16.06
C CYS D 203 -47.37 -0.86 16.72
N ASN D 204 -46.69 -1.68 15.93
CA ASN D 204 -45.66 -2.59 16.44
C ASN D 204 -44.29 -2.10 15.99
N VAL D 205 -43.42 -1.82 16.96
CA VAL D 205 -42.11 -1.24 16.72
C VAL D 205 -41.04 -2.19 17.24
N ASN D 206 -39.93 -2.27 16.52
CA ASN D 206 -38.82 -3.13 16.90
C ASN D 206 -37.51 -2.36 16.75
N HIS D 207 -36.69 -2.36 17.80
CA HIS D 207 -35.41 -1.66 17.81
C HIS D 207 -34.31 -2.64 18.23
N LYS D 208 -33.88 -3.47 17.29
CA LYS D 208 -32.89 -4.51 17.53
C LYS D 208 -31.62 -4.04 18.24
N PRO D 209 -31.17 -2.79 18.05
CA PRO D 209 -29.98 -2.33 18.76
C PRO D 209 -30.17 -2.08 20.24
N SER D 210 -31.37 -2.28 20.78
CA SER D 210 -31.58 -2.40 22.21
C SER D 210 -32.34 -3.70 22.46
N ASN D 211 -32.70 -3.92 23.72
CA ASN D 211 -33.80 -4.84 24.03
C ASN D 211 -35.01 -3.94 24.31
N THR D 212 -35.79 -3.69 23.27
CA THR D 212 -37.07 -3.02 23.42
C THR D 212 -37.94 -3.33 22.21
N LYS D 213 -39.14 -3.84 22.46
CA LYS D 213 -40.20 -3.86 21.46
C LYS D 213 -41.49 -3.45 22.13
N VAL D 214 -42.32 -2.69 21.42
CA VAL D 214 -43.59 -2.21 21.97
C VAL D 214 -44.65 -2.33 20.88
N ASP D 215 -45.72 -3.05 21.19
CA ASP D 215 -46.92 -3.12 20.34
C ASP D 215 -47.97 -2.24 20.99
N LYS D 216 -48.10 -1.01 20.52
CA LYS D 216 -48.98 -0.02 21.13
C LYS D 216 -50.23 0.13 20.28
N LYS D 217 -51.37 -0.10 20.89
CA LYS D 217 -52.66 0.11 20.25
C LYS D 217 -52.95 1.60 20.07
N VAL D 218 -53.70 1.91 19.02
CA VAL D 218 -54.17 3.26 18.75
C VAL D 218 -55.70 3.25 18.76
N GLU D 219 -56.29 4.28 19.36
CA GLU D 219 -57.72 4.31 19.59
C GLU D 219 -58.22 5.74 19.54
N PRO D 220 -59.41 5.98 18.98
CA PRO D 220 -59.90 7.36 18.84
C PRO D 220 -60.04 8.05 20.20
N LYS D 221 -59.76 9.35 20.19
CA LYS D 221 -59.71 10.12 21.43
C LYS D 221 -61.11 10.47 21.90
N SER D 222 -61.29 10.50 23.22
CA SER D 222 -62.55 10.91 23.83
C SER D 222 -62.68 12.42 23.90
N CYS D 223 -62.52 13.09 22.76
CA CYS D 223 -62.67 14.55 22.71
C CYS D 223 -64.02 14.97 23.25
N ASP E 1 -6.42 3.16 -10.60
CA ASP E 1 -6.08 3.66 -11.96
C ASP E 1 -7.33 4.04 -12.74
N ILE E 2 -8.23 3.06 -12.95
CA ILE E 2 -9.50 3.36 -13.61
C ILE E 2 -10.37 4.19 -12.70
N GLN E 3 -11.10 5.14 -13.27
CA GLN E 3 -12.16 5.84 -12.59
C GLN E 3 -13.33 6.05 -13.55
N MET E 4 -14.50 6.32 -12.98
CA MET E 4 -15.76 6.28 -13.71
C MET E 4 -16.47 7.63 -13.62
N THR E 5 -17.21 7.95 -14.68
CA THR E 5 -18.04 9.14 -14.73
C THR E 5 -19.38 8.79 -15.34
N GLN E 6 -20.43 9.47 -14.88
CA GLN E 6 -21.78 9.30 -15.41
C GLN E 6 -22.36 10.64 -15.82
N SER E 7 -23.00 10.67 -17.00
CA SER E 7 -23.39 11.96 -17.57
C SER E 7 -24.57 12.58 -16.83
N PRO E 8 -25.77 11.97 -16.81
CA PRO E 8 -26.81 12.49 -15.91
C PRO E 8 -26.55 12.14 -14.46
N SER E 9 -26.22 13.14 -13.65
CA SER E 9 -26.18 12.93 -12.21
C SER E 9 -27.57 12.73 -11.63
N SER E 10 -28.60 13.31 -12.25
CA SER E 10 -29.95 12.80 -12.11
C SER E 10 -30.67 12.87 -13.46
N LEU E 11 -31.60 11.93 -13.64
CA LEU E 11 -32.47 11.89 -14.81
C LEU E 11 -33.90 11.70 -14.32
N SER E 12 -34.84 12.30 -15.04
CA SER E 12 -36.24 12.23 -14.65
C SER E 12 -37.11 12.08 -15.88
N ALA E 13 -38.12 11.21 -15.77
CA ALA E 13 -38.92 10.83 -16.92
C ALA E 13 -40.26 10.31 -16.44
N PHE E 14 -41.23 10.26 -17.35
CA PHE E 14 -42.54 9.73 -17.03
C PHE E 14 -42.52 8.21 -17.13
N VAL E 15 -43.46 7.57 -16.42
CA VAL E 15 -43.70 6.15 -16.62
C VAL E 15 -44.04 5.89 -18.08
N GLY E 16 -43.39 4.87 -18.66
CA GLY E 16 -43.55 4.55 -20.06
C GLY E 16 -42.55 5.21 -20.99
N ASP E 17 -41.81 6.20 -20.51
CA ASP E 17 -40.75 6.79 -21.30
C ASP E 17 -39.57 5.82 -21.43
N ARG E 18 -38.98 5.78 -22.62
CA ARG E 18 -37.66 5.21 -22.78
C ARG E 18 -36.60 6.16 -22.22
N VAL E 19 -35.61 5.60 -21.52
CA VAL E 19 -34.56 6.40 -20.92
C VAL E 19 -33.22 5.67 -21.08
N THR E 20 -32.14 6.46 -21.12
CA THR E 20 -30.79 5.93 -21.16
C THR E 20 -29.91 6.70 -20.19
N ILE E 21 -29.03 6.01 -19.50
CA ILE E 21 -27.97 6.62 -18.70
C ILE E 21 -26.63 6.10 -19.21
N THR E 22 -25.59 6.91 -19.03
CA THR E 22 -24.29 6.61 -19.61
C THR E 22 -23.23 6.47 -18.51
N CYS E 23 -22.25 5.60 -18.78
CA CYS E 23 -21.07 5.42 -17.95
C CYS E 23 -19.88 5.35 -18.88
N ARG E 24 -18.81 6.08 -18.57
CA ARG E 24 -17.61 6.02 -19.39
C ARG E 24 -16.38 6.14 -18.50
N ALA E 25 -15.27 5.58 -19.01
CA ALA E 25 -14.12 5.22 -18.20
C ALA E 25 -12.95 6.16 -18.46
N SER E 26 -11.99 6.13 -17.53
CA SER E 26 -10.74 6.86 -17.69
C SER E 26 -9.76 6.16 -18.63
N GLN E 27 -9.98 4.89 -18.95
CA GLN E 27 -9.19 4.17 -19.94
C GLN E 27 -10.19 3.54 -20.92
N SER E 28 -9.70 2.60 -21.72
CA SER E 28 -10.58 1.70 -22.44
C SER E 28 -10.60 0.34 -21.74
N ILE E 29 -11.81 -0.20 -21.59
CA ILE E 29 -12.03 -1.52 -21.00
C ILE E 29 -12.89 -2.32 -21.96
N SER E 30 -12.61 -3.60 -22.09
CA SER E 30 -13.23 -4.44 -23.13
C SER E 30 -14.38 -5.21 -22.49
N SER E 31 -15.59 -4.68 -22.65
CA SER E 31 -16.69 -5.03 -21.78
C SER E 31 -16.31 -4.82 -20.32
N TYR E 32 -16.73 -5.73 -19.44
CA TYR E 32 -16.39 -5.68 -18.02
C TYR E 32 -17.03 -4.50 -17.30
N LEU E 33 -18.27 -4.17 -17.64
CA LEU E 33 -19.11 -3.32 -16.80
C LEU E 33 -20.18 -4.14 -16.09
N ASN E 34 -20.33 -3.91 -14.80
CA ASN E 34 -21.51 -4.28 -14.03
C ASN E 34 -22.42 -3.06 -13.84
N TRP E 35 -23.70 -3.32 -13.60
CA TRP E 35 -24.66 -2.29 -13.23
C TRP E 35 -25.46 -2.75 -12.02
N TYR E 36 -25.74 -1.83 -11.10
CA TYR E 36 -26.50 -2.16 -9.89
C TYR E 36 -27.64 -1.17 -9.71
N GLN E 37 -28.83 -1.68 -9.41
CA GLN E 37 -30.03 -0.87 -9.29
C GLN E 37 -30.42 -0.71 -7.82
N GLN E 38 -29.66 0.13 -7.11
CA GLN E 38 -29.91 0.32 -5.69
C GLN E 38 -31.18 1.14 -5.47
N LYS E 39 -32.21 0.52 -4.92
CA LYS E 39 -33.26 1.29 -4.27
C LYS E 39 -32.75 1.88 -2.97
N PRO E 40 -32.96 3.18 -2.71
CA PRO E 40 -32.30 3.81 -1.57
C PRO E 40 -32.56 3.07 -0.25
N GLY E 41 -31.47 2.86 0.50
CA GLY E 41 -31.49 2.15 1.76
C GLY E 41 -31.53 0.64 1.67
N LYS E 42 -31.86 0.08 0.53
CA LYS E 42 -31.78 -1.37 0.36
C LYS E 42 -30.37 -1.76 -0.02
N ALA E 43 -30.11 -3.07 -0.01
CA ALA E 43 -28.93 -3.58 -0.68
C ALA E 43 -29.14 -3.51 -2.19
N PRO E 44 -28.12 -3.10 -2.96
CA PRO E 44 -28.26 -3.13 -4.42
C PRO E 44 -28.52 -4.54 -4.92
N LYS E 45 -28.97 -4.62 -6.17
CA LYS E 45 -29.10 -5.88 -6.87
C LYS E 45 -28.51 -5.75 -8.27
N LEU E 46 -27.83 -6.80 -8.70
CA LEU E 46 -27.10 -6.78 -9.96
C LEU E 46 -28.06 -6.91 -11.14
N LEU E 47 -28.10 -5.89 -11.99
CA LEU E 47 -28.88 -5.96 -13.22
C LEU E 47 -28.09 -6.66 -14.32
N ILE E 48 -26.94 -6.09 -14.67
CA ILE E 48 -26.18 -6.46 -15.86
C ILE E 48 -24.75 -6.67 -15.43
N TYR E 49 -24.13 -7.74 -15.92
CA TYR E 49 -22.85 -8.19 -15.41
C TYR E 49 -21.79 -8.27 -16.49
N ALA E 50 -22.16 -8.03 -17.74
CA ALA E 50 -21.22 -7.66 -18.79
C ALA E 50 -22.00 -6.84 -19.79
N ALA E 51 -21.27 -6.14 -20.65
CA ALA E 51 -21.94 -5.30 -21.65
C ALA E 51 -22.88 -6.13 -22.51
N SER E 52 -24.15 -5.74 -22.55
CA SER E 52 -25.19 -6.41 -23.33
C SER E 52 -25.51 -7.83 -22.84
N THR E 53 -25.30 -8.15 -21.56
CA THR E 53 -25.80 -9.41 -21.04
C THR E 53 -26.50 -9.21 -19.71
N LEU E 54 -27.64 -9.87 -19.56
CA LEU E 54 -28.61 -9.58 -18.51
C LEU E 54 -28.66 -10.74 -17.51
N GLN E 55 -28.72 -10.42 -16.23
CA GLN E 55 -28.91 -11.46 -15.24
C GLN E 55 -30.29 -12.10 -15.41
N SER E 56 -30.36 -13.41 -15.15
CA SER E 56 -31.60 -14.15 -15.37
C SER E 56 -32.73 -13.67 -14.48
N GLY E 57 -32.42 -13.12 -13.32
CA GLY E 57 -33.42 -12.76 -12.32
C GLY E 57 -34.01 -11.37 -12.41
N VAL E 58 -33.83 -10.67 -13.53
CA VAL E 58 -34.31 -9.29 -13.66
C VAL E 58 -35.01 -9.11 -15.00
N PRO E 59 -35.86 -8.09 -15.11
CA PRO E 59 -36.73 -7.98 -16.28
C PRO E 59 -35.94 -7.79 -17.57
N SER E 60 -36.52 -8.28 -18.66
CA SER E 60 -35.96 -8.08 -20.00
C SER E 60 -36.00 -6.62 -20.44
N ARG E 61 -36.68 -5.75 -19.68
CA ARG E 61 -36.72 -4.33 -20.01
C ARG E 61 -35.34 -3.70 -20.01
N PHE E 62 -34.36 -4.28 -19.31
CA PHE E 62 -33.03 -3.72 -19.20
C PHE E 62 -32.11 -4.38 -20.22
N SER E 63 -31.25 -3.58 -20.84
CA SER E 63 -30.19 -4.13 -21.68
C SER E 63 -28.98 -3.20 -21.66
N GLY E 64 -27.81 -3.78 -21.89
CA GLY E 64 -26.58 -3.04 -22.00
C GLY E 64 -26.20 -2.80 -23.46
N SER E 65 -25.28 -1.87 -23.67
CA SER E 65 -24.90 -1.51 -25.02
C SER E 65 -23.51 -0.89 -25.01
N GLY E 66 -22.85 -0.96 -26.16
CA GLY E 66 -21.57 -0.31 -26.39
C GLY E 66 -20.40 -1.26 -26.20
N SER E 67 -19.22 -0.71 -26.42
CA SER E 67 -17.98 -1.44 -26.19
C SER E 67 -16.85 -0.45 -25.99
N GLY E 68 -15.75 -0.95 -25.45
CA GLY E 68 -14.59 -0.08 -25.22
C GLY E 68 -14.79 0.87 -24.06
N THR E 69 -14.48 2.14 -24.29
CA THR E 69 -14.41 3.13 -23.21
C THR E 69 -15.78 3.60 -22.74
N ASP E 70 -16.84 3.46 -23.54
CA ASP E 70 -18.10 4.14 -23.27
C ASP E 70 -19.26 3.16 -23.41
N PHE E 71 -20.16 3.18 -22.42
CA PHE E 71 -21.31 2.28 -22.38
C PHE E 71 -22.53 3.06 -21.91
N THR E 72 -23.70 2.50 -22.19
CA THR E 72 -24.96 3.06 -21.73
C THR E 72 -25.87 1.94 -21.25
N LEU E 73 -26.65 2.25 -20.23
CA LEU E 73 -27.77 1.40 -19.81
C LEU E 73 -29.05 1.98 -20.39
N THR E 74 -29.89 1.11 -20.94
CA THR E 74 -31.16 1.53 -21.52
C THR E 74 -32.31 0.79 -20.84
N ILE E 75 -33.44 1.48 -20.73
CA ILE E 75 -34.70 0.88 -20.31
C ILE E 75 -35.71 1.08 -21.42
N SER E 76 -36.23 -0.02 -21.95
CA SER E 76 -37.13 0.09 -23.11
C SER E 76 -38.42 0.80 -22.74
N SER E 77 -38.85 0.70 -21.48
CA SER E 77 -39.99 1.46 -21.00
C SER E 77 -39.88 1.55 -19.49
N LEU E 78 -39.69 2.77 -18.98
CA LEU E 78 -39.56 2.95 -17.54
C LEU E 78 -40.87 2.65 -16.83
N GLN E 79 -40.78 1.92 -15.73
CA GLN E 79 -41.92 1.56 -14.90
C GLN E 79 -41.69 2.11 -13.50
N SER E 80 -42.78 2.42 -12.80
CA SER E 80 -42.66 3.07 -11.50
C SER E 80 -41.87 2.25 -10.51
N GLU E 81 -41.70 0.95 -10.74
CA GLU E 81 -40.76 0.16 -9.96
C GLU E 81 -39.31 0.52 -10.22
N ASP E 82 -39.03 1.36 -11.23
CA ASP E 82 -37.69 1.73 -11.62
C ASP E 82 -37.14 2.92 -10.84
N PHE E 83 -37.87 3.41 -9.85
CA PHE E 83 -37.29 4.39 -8.93
C PHE E 83 -36.10 3.78 -8.19
N ALA E 84 -34.90 4.24 -8.51
CA ALA E 84 -33.68 3.68 -7.93
C ALA E 84 -32.51 4.56 -8.31
N THR E 85 -31.37 4.32 -7.65
CA THR E 85 -30.08 4.87 -8.04
C THR E 85 -29.27 3.79 -8.75
N TYR E 86 -28.76 4.13 -9.93
CA TYR E 86 -28.07 3.18 -10.81
C TYR E 86 -26.57 3.47 -10.79
N TYR E 87 -25.77 2.47 -10.41
CA TYR E 87 -24.32 2.55 -10.48
C TYR E 87 -23.83 1.68 -11.63
N CYS E 88 -22.88 2.19 -12.40
CA CYS E 88 -21.99 1.28 -13.12
C CYS E 88 -20.86 0.84 -12.21
N GLN E 89 -20.21 -0.25 -12.62
CA GLN E 89 -18.98 -0.71 -11.98
C GLN E 89 -18.11 -1.34 -13.04
N GLU E 90 -16.82 -1.00 -13.03
CA GLU E 90 -15.89 -1.56 -13.99
C GLU E 90 -15.30 -2.87 -13.48
N SER E 91 -14.85 -3.70 -14.40
CA SER E 91 -14.22 -4.97 -14.06
C SER E 91 -13.00 -5.21 -14.94
N TYR E 92 -12.09 -4.25 -14.98
CA TYR E 92 -10.76 -4.45 -15.55
C TYR E 92 -9.61 -4.38 -14.56
N SER E 93 -9.76 -3.74 -13.40
CA SER E 93 -8.61 -3.52 -12.54
C SER E 93 -9.08 -3.49 -11.09
N ILE E 94 -8.85 -4.59 -10.38
CA ILE E 94 -9.11 -4.67 -8.94
C ILE E 94 -8.41 -3.47 -8.31
N PRO E 95 -9.08 -2.72 -7.41
CA PRO E 95 -10.43 -2.90 -6.89
C PRO E 95 -11.51 -2.46 -7.86
N PHE E 96 -12.59 -3.23 -7.96
CA PHE E 96 -13.68 -2.92 -8.88
C PHE E 96 -14.46 -1.68 -8.42
N THR E 97 -14.08 -0.50 -8.88
CA THR E 97 -14.58 0.73 -8.28
C THR E 97 -15.89 1.14 -8.96
N PHE E 98 -16.83 1.65 -8.17
CA PHE E 98 -18.12 2.07 -8.68
C PHE E 98 -18.06 3.46 -9.27
N GLY E 99 -18.99 3.74 -10.18
CA GLY E 99 -19.29 5.08 -10.59
C GLY E 99 -20.03 5.87 -9.51
N PRO E 100 -20.23 7.16 -9.77
CA PRO E 100 -20.92 8.00 -8.78
C PRO E 100 -22.39 7.69 -8.60
N GLY E 101 -23.02 7.00 -9.55
CA GLY E 101 -24.43 6.67 -9.44
C GLY E 101 -25.37 7.73 -9.94
N THR E 102 -26.30 7.34 -10.81
CA THR E 102 -27.32 8.23 -11.37
C THR E 102 -28.65 7.96 -10.68
N LYS E 103 -29.21 8.97 -10.02
CA LYS E 103 -30.55 8.87 -9.46
C LYS E 103 -31.59 9.11 -10.56
N VAL E 104 -32.47 8.14 -10.77
CA VAL E 104 -33.62 8.26 -11.66
C VAL E 104 -34.89 8.33 -10.83
N ASP E 105 -35.73 9.32 -11.11
CA ASP E 105 -36.99 9.50 -10.38
C ASP E 105 -38.10 9.87 -11.34
N ILE E 106 -39.34 9.72 -10.86
CA ILE E 106 -40.52 9.59 -11.71
C ILE E 106 -41.30 10.91 -11.67
N LYS E 107 -41.56 11.48 -12.84
CA LYS E 107 -42.47 12.60 -12.96
C LYS E 107 -43.93 12.13 -12.98
N ARG E 108 -44.81 12.97 -12.44
CA ARG E 108 -46.22 12.63 -12.31
C ARG E 108 -47.07 13.87 -12.56
N THR E 109 -48.36 13.65 -12.78
CA THR E 109 -49.35 14.71 -12.62
C THR E 109 -49.52 15.08 -11.14
N VAL E 110 -49.75 16.38 -10.90
CA VAL E 110 -49.76 16.89 -9.54
C VAL E 110 -50.88 16.27 -8.72
N ALA E 111 -50.64 16.15 -7.41
CA ALA E 111 -51.63 15.66 -6.46
C ALA E 111 -51.51 16.49 -5.18
N ALA E 112 -52.64 16.99 -4.68
CA ALA E 112 -52.60 17.77 -3.46
C ALA E 112 -52.61 16.89 -2.23
N PRO E 113 -51.99 17.35 -1.13
CA PRO E 113 -51.92 16.54 0.08
C PRO E 113 -53.26 16.46 0.79
N SER E 114 -53.65 15.23 1.17
CA SER E 114 -54.75 15.01 2.09
C SER E 114 -54.30 15.31 3.52
N VAL E 115 -54.11 16.60 3.79
CA VAL E 115 -53.46 17.02 5.03
C VAL E 115 -54.24 16.54 6.24
N PHE E 116 -53.51 16.16 7.28
CA PHE E 116 -54.11 15.79 8.56
C PHE E 116 -53.30 16.40 9.70
N ILE E 117 -53.96 16.55 10.84
CA ILE E 117 -53.33 17.06 12.06
C ILE E 117 -53.77 16.23 13.26
N PHE E 118 -52.85 16.01 14.19
CA PHE E 118 -53.11 15.17 15.35
C PHE E 118 -52.63 15.90 16.61
N PRO E 119 -53.46 16.04 17.62
CA PRO E 119 -53.02 16.71 18.86
C PRO E 119 -51.92 15.93 19.54
N PRO E 120 -51.26 16.52 20.54
CA PRO E 120 -50.36 15.75 21.39
C PRO E 120 -51.11 14.66 22.15
N SER E 121 -50.51 13.47 22.20
CA SER E 121 -51.03 12.42 23.06
C SER E 121 -50.86 12.80 24.52
N ASP E 122 -51.85 12.42 25.34
CA ASP E 122 -51.74 12.62 26.79
C ASP E 122 -50.52 11.95 27.38
N GLU E 123 -50.10 10.81 26.81
CA GLU E 123 -48.90 10.13 27.31
C GLU E 123 -47.65 11.00 27.16
N GLN E 124 -47.59 11.84 26.13
CA GLN E 124 -46.49 12.79 26.06
C GLN E 124 -46.59 13.83 27.17
N LEU E 125 -47.79 14.37 27.39
CA LEU E 125 -47.98 15.34 28.47
C LEU E 125 -47.67 14.70 29.82
N LYS E 126 -48.05 13.43 30.00
CA LYS E 126 -47.65 12.69 31.19
C LYS E 126 -46.14 12.59 31.32
N SER E 127 -45.41 12.61 30.21
CA SER E 127 -43.96 12.66 30.24
C SER E 127 -43.42 14.07 30.48
N GLY E 128 -44.28 15.08 30.51
CA GLY E 128 -43.82 16.45 30.61
C GLY E 128 -43.46 17.09 29.30
N THR E 129 -43.94 16.55 28.17
CA THR E 129 -43.59 17.03 26.84
C THR E 129 -44.85 17.04 26.00
N ALA E 130 -44.77 17.73 24.85
CA ALA E 130 -45.87 17.71 23.90
C ALA E 130 -45.33 17.81 22.50
N SER E 131 -46.08 17.25 21.55
CA SER E 131 -45.74 17.31 20.14
C SER E 131 -47.03 17.35 19.33
N VAL E 132 -46.95 17.96 18.15
CA VAL E 132 -48.06 17.99 17.21
C VAL E 132 -47.52 17.57 15.85
N VAL E 133 -48.25 16.69 15.18
CA VAL E 133 -47.88 16.20 13.85
C VAL E 133 -48.84 16.81 12.84
N CYS E 134 -48.27 17.36 11.77
CA CYS E 134 -49.02 17.73 10.57
C CYS E 134 -48.49 16.86 9.45
N LEU E 135 -49.39 16.19 8.74
CA LEU E 135 -49.02 15.20 7.75
C LEU E 135 -49.53 15.60 6.38
N LEU E 136 -48.70 15.37 5.37
CA LEU E 136 -49.12 15.44 3.98
C LEU E 136 -48.94 14.05 3.36
N ASN E 137 -49.86 13.67 2.49
CA ASN E 137 -49.84 12.33 1.93
C ASN E 137 -50.38 12.35 0.51
N ASN E 138 -49.87 11.43 -0.30
CA ASN E 138 -50.32 11.25 -1.68
C ASN E 138 -50.23 12.55 -2.47
N PHE E 139 -49.14 13.29 -2.28
CA PHE E 139 -48.95 14.57 -2.95
C PHE E 139 -47.68 14.55 -3.78
N TYR E 140 -47.70 15.29 -4.89
CA TYR E 140 -46.57 15.45 -5.78
C TYR E 140 -46.76 16.78 -6.51
N PRO E 141 -45.68 17.52 -6.80
CA PRO E 141 -44.27 17.27 -6.45
C PRO E 141 -43.93 17.55 -4.99
N ARG E 142 -42.66 17.36 -4.64
CA ARG E 142 -42.25 17.26 -3.25
C ARG E 142 -42.27 18.60 -2.52
N GLU E 143 -42.23 19.71 -3.25
CA GLU E 143 -42.06 21.02 -2.61
C GLU E 143 -43.35 21.45 -1.93
N ALA E 144 -43.36 21.40 -0.60
CA ALA E 144 -44.47 21.93 0.18
C ALA E 144 -43.93 22.51 1.47
N LYS E 145 -44.72 23.38 2.08
CA LYS E 145 -44.32 24.08 3.30
C LYS E 145 -45.43 23.96 4.33
N VAL E 146 -45.02 23.86 5.60
CA VAL E 146 -45.94 23.64 6.71
C VAL E 146 -45.81 24.85 7.64
N GLN E 147 -46.57 25.90 7.36
CA GLN E 147 -46.58 27.08 8.21
C GLN E 147 -47.39 26.80 9.48
N TRP E 148 -46.77 27.00 10.64
CA TRP E 148 -47.39 26.73 11.93
C TRP E 148 -47.75 28.04 12.61
N LYS E 149 -48.95 28.08 13.19
CA LYS E 149 -49.42 29.28 13.87
C LYS E 149 -50.41 28.91 14.97
N ASN E 158 -38.16 25.86 15.02
CA ASN E 158 -38.83 25.06 16.05
C ASN E 158 -39.64 23.92 15.43
N SER E 159 -39.50 23.73 14.12
CA SER E 159 -40.18 22.67 13.40
C SER E 159 -39.17 21.82 12.65
N GLN E 160 -39.54 20.55 12.45
CA GLN E 160 -38.72 19.59 11.72
C GLN E 160 -39.60 18.90 10.69
N GLU E 161 -38.96 18.38 9.64
CA GLU E 161 -39.69 17.83 8.51
C GLU E 161 -38.98 16.60 7.98
N SER E 162 -39.77 15.60 7.61
CA SER E 162 -39.28 14.38 6.97
C SER E 162 -40.18 14.07 5.78
N VAL E 163 -39.58 13.79 4.63
CA VAL E 163 -40.31 13.36 3.44
C VAL E 163 -39.89 11.95 3.09
N THR E 164 -40.87 11.07 2.90
CA THR E 164 -40.60 9.69 2.55
C THR E 164 -40.22 9.58 1.09
N GLU E 165 -39.54 8.49 0.75
CA GLU E 165 -39.08 8.27 -0.61
C GLU E 165 -40.27 8.06 -1.54
N GLN E 166 -40.05 8.37 -2.81
CA GLN E 166 -41.09 8.27 -3.82
C GLN E 166 -41.64 6.85 -3.87
N ASP E 167 -42.95 6.70 -3.66
CA ASP E 167 -43.53 5.37 -3.48
C ASP E 167 -43.46 4.56 -4.77
N SER E 168 -43.07 3.30 -4.64
CA SER E 168 -42.84 2.45 -5.81
C SER E 168 -44.09 2.28 -6.65
N LYS E 169 -45.27 2.41 -6.05
CA LYS E 169 -46.54 2.29 -6.77
C LYS E 169 -47.26 3.61 -6.91
N ASP E 170 -47.34 4.41 -5.85
CA ASP E 170 -48.03 5.68 -5.94
C ASP E 170 -47.23 6.69 -6.75
N SER E 171 -45.93 6.48 -6.89
CA SER E 171 -45.02 7.45 -7.54
C SER E 171 -45.14 8.82 -6.90
N THR E 172 -45.47 8.85 -5.61
CA THR E 172 -46.00 10.05 -5.00
C THR E 172 -45.52 10.10 -3.56
N TYR E 173 -45.33 11.31 -3.05
CA TYR E 173 -44.67 11.52 -1.77
C TYR E 173 -45.68 11.56 -0.63
N SER E 174 -45.18 11.41 0.58
CA SER E 174 -45.85 11.87 1.78
C SER E 174 -44.83 12.59 2.66
N LEU E 175 -45.32 13.49 3.50
CA LEU E 175 -44.44 14.34 4.29
C LEU E 175 -45.03 14.53 5.67
N SER E 176 -44.15 14.55 6.66
CA SER E 176 -44.52 14.80 8.05
C SER E 176 -43.74 15.99 8.60
N SER E 177 -44.37 16.72 9.50
CA SER E 177 -43.73 17.84 10.17
C SER E 177 -44.23 17.90 11.60
N THR E 178 -43.36 18.34 12.50
CA THR E 178 -43.63 18.24 13.93
C THR E 178 -43.20 19.53 14.61
N LEU E 179 -44.08 20.06 15.46
CA LEU E 179 -43.69 21.00 16.49
C LEU E 179 -43.28 20.26 17.76
N THR E 180 -42.48 20.94 18.58
CA THR E 180 -42.24 20.50 19.94
C THR E 180 -42.43 21.68 20.88
N LEU E 181 -42.97 21.39 22.07
CA LEU E 181 -43.20 22.41 23.08
C LEU E 181 -43.03 21.77 24.45
N SER E 182 -42.64 22.58 25.42
CA SER E 182 -42.91 22.24 26.81
C SER E 182 -44.41 22.32 27.08
N LYS E 183 -44.87 21.47 28.00
CA LYS E 183 -46.26 21.57 28.43
C LYS E 183 -46.57 22.95 29.00
N ALA E 184 -45.57 23.64 29.54
CA ALA E 184 -45.75 25.02 29.95
C ALA E 184 -46.10 25.91 28.76
N ASP E 185 -45.35 25.80 27.67
CA ASP E 185 -45.66 26.57 26.47
C ASP E 185 -46.94 26.07 25.82
N TYR E 186 -47.20 24.76 25.86
CA TYR E 186 -48.45 24.25 25.33
C TYR E 186 -49.66 24.78 26.09
N GLU E 187 -49.47 25.18 27.35
CA GLU E 187 -50.53 25.84 28.11
C GLU E 187 -50.87 27.23 27.58
N LYS E 188 -49.96 27.85 26.83
CA LYS E 188 -50.09 29.25 26.46
C LYS E 188 -50.96 29.49 25.23
N HIS E 189 -51.55 28.46 24.63
CA HIS E 189 -52.26 28.61 23.38
C HIS E 189 -53.60 27.89 23.44
N LYS E 190 -54.63 28.57 22.93
CA LYS E 190 -55.98 28.00 22.87
C LYS E 190 -56.17 27.10 21.67
N VAL E 191 -55.46 27.35 20.57
CA VAL E 191 -55.73 26.67 19.31
C VAL E 191 -54.42 26.52 18.54
N TYR E 192 -54.30 25.40 17.83
CA TYR E 192 -53.12 25.11 17.02
C TYR E 192 -53.57 24.78 15.61
N ALA E 193 -52.74 25.14 14.63
CA ALA E 193 -53.00 24.80 13.24
C ALA E 193 -51.68 24.65 12.50
N CYS E 194 -51.70 23.84 11.45
CA CYS E 194 -50.70 23.90 10.39
C CYS E 194 -51.35 24.36 9.09
N GLU E 195 -50.69 25.29 8.40
CA GLU E 195 -51.08 25.73 7.08
C GLU E 195 -50.09 25.20 6.05
N VAL E 196 -50.61 24.62 4.98
CA VAL E 196 -49.79 23.96 3.97
C VAL E 196 -50.16 24.52 2.61
N THR E 197 -49.16 24.67 1.75
CA THR E 197 -49.36 25.18 0.39
C THR E 197 -48.62 24.29 -0.59
N HIS E 198 -49.27 23.99 -1.71
CA HIS E 198 -48.70 23.08 -2.69
C HIS E 198 -49.33 23.40 -4.04
N GLN E 199 -48.54 23.21 -5.10
CA GLN E 199 -48.95 23.67 -6.42
C GLN E 199 -50.18 22.94 -6.95
N GLY E 200 -50.46 21.74 -6.45
CA GLY E 200 -51.65 21.03 -6.87
C GLY E 200 -52.92 21.50 -6.20
N LEU E 201 -52.81 22.21 -5.08
CA LEU E 201 -53.98 22.79 -4.44
C LEU E 201 -54.52 23.96 -5.25
N SER E 202 -55.83 24.16 -5.16
CA SER E 202 -56.43 25.38 -5.71
C SER E 202 -56.03 26.60 -4.90
N SER E 203 -55.95 26.46 -3.58
CA SER E 203 -55.51 27.55 -2.71
C SER E 203 -54.94 26.95 -1.44
N PRO E 204 -54.17 27.71 -0.67
CA PRO E 204 -53.63 27.20 0.58
C PRO E 204 -54.73 26.71 1.52
N VAL E 205 -54.41 25.67 2.29
CA VAL E 205 -55.37 24.97 3.12
C VAL E 205 -54.76 24.77 4.50
N THR E 206 -55.64 24.70 5.51
CA THR E 206 -55.23 24.60 6.90
C THR E 206 -56.10 23.59 7.62
N LYS E 207 -55.57 23.06 8.72
CA LYS E 207 -56.36 22.29 9.67
C LYS E 207 -55.93 22.66 11.09
N SER E 208 -56.82 22.40 12.04
CA SER E 208 -56.66 22.94 13.38
C SER E 208 -57.42 22.06 14.36
N PHE E 209 -57.07 22.21 15.64
CA PHE E 209 -57.89 21.73 16.74
C PHE E 209 -57.84 22.73 17.87
N ASN E 210 -58.88 22.71 18.71
CA ASN E 210 -58.93 23.52 19.91
C ASN E 210 -58.50 22.69 21.13
N ARG E 211 -57.61 23.26 21.94
CA ARG E 211 -57.05 22.52 23.06
C ARG E 211 -58.14 22.07 24.03
N GLY E 212 -59.13 22.94 24.26
CA GLY E 212 -60.24 22.60 25.13
C GLY E 212 -61.26 21.67 24.52
N GLU E 213 -61.28 21.54 23.20
CA GLU E 213 -62.14 20.55 22.55
C GLU E 213 -61.56 19.16 22.64
N CYS E 214 -60.25 19.02 22.40
CA CYS E 214 -59.57 17.75 22.60
C CYS E 214 -58.43 17.91 23.59
#